data_388D
# 
_entry.id   388D 
# 
_audit_conform.dict_name       mmcif_pdbx.dic 
_audit_conform.dict_version    5.387 
_audit_conform.dict_location   http://mmcif.pdb.org/dictionaries/ascii/mmcif_pdbx.dic 
# 
loop_
_database_2.database_id 
_database_2.database_code 
_database_2.pdbx_database_accession 
_database_2.pdbx_DOI 
PDB   388D         pdb_0000388d 10.2210/pdb388d/pdb 
RCSB  BDLB84       ?            ?                   
WWPDB D_1000178852 ?            ?                   
# 
loop_
_pdbx_audit_revision_history.ordinal 
_pdbx_audit_revision_history.data_content_type 
_pdbx_audit_revision_history.major_revision 
_pdbx_audit_revision_history.minor_revision 
_pdbx_audit_revision_history.revision_date 
1 'Structure model' 1 0 1998-05-05 
2 'Structure model' 1 1 2008-05-22 
3 'Structure model' 1 2 2011-07-13 
4 'Structure model' 1 3 2024-02-21 
# 
_pdbx_audit_revision_details.ordinal             1 
_pdbx_audit_revision_details.revision_ordinal    1 
_pdbx_audit_revision_details.data_content_type   'Structure model' 
_pdbx_audit_revision_details.provider            repository 
_pdbx_audit_revision_details.type                'Initial release' 
_pdbx_audit_revision_details.description         ? 
_pdbx_audit_revision_details.details             ? 
# 
loop_
_pdbx_audit_revision_group.ordinal 
_pdbx_audit_revision_group.revision_ordinal 
_pdbx_audit_revision_group.data_content_type 
_pdbx_audit_revision_group.group 
1 2 'Structure model' 'Version format compliance' 
2 3 'Structure model' 'Version format compliance' 
3 4 'Structure model' 'Data collection'           
4 4 'Structure model' 'Database references'       
5 4 'Structure model' 'Derived calculations'      
# 
loop_
_pdbx_audit_revision_category.ordinal 
_pdbx_audit_revision_category.revision_ordinal 
_pdbx_audit_revision_category.data_content_type 
_pdbx_audit_revision_category.category 
1 4 'Structure model' chem_comp_atom         
2 4 'Structure model' chem_comp_bond         
3 4 'Structure model' database_2             
4 4 'Structure model' pdbx_struct_conn_angle 
5 4 'Structure model' struct_conn            
6 4 'Structure model' struct_conn_type       
7 4 'Structure model' struct_site            
# 
loop_
_pdbx_audit_revision_item.ordinal 
_pdbx_audit_revision_item.revision_ordinal 
_pdbx_audit_revision_item.data_content_type 
_pdbx_audit_revision_item.item 
1  4 'Structure model' '_database_2.pdbx_DOI'                        
2  4 'Structure model' '_database_2.pdbx_database_accession'         
3  4 'Structure model' '_pdbx_struct_conn_angle.ptnr1_auth_asym_id'  
4  4 'Structure model' '_pdbx_struct_conn_angle.ptnr1_auth_seq_id'   
5  4 'Structure model' '_pdbx_struct_conn_angle.ptnr1_label_asym_id' 
6  4 'Structure model' '_pdbx_struct_conn_angle.ptnr3_auth_asym_id'  
7  4 'Structure model' '_pdbx_struct_conn_angle.ptnr3_auth_seq_id'   
8  4 'Structure model' '_pdbx_struct_conn_angle.ptnr3_label_asym_id' 
9  4 'Structure model' '_pdbx_struct_conn_angle.value'               
10 4 'Structure model' '_struct_conn.conn_type_id'                   
11 4 'Structure model' '_struct_conn.id'                             
12 4 'Structure model' '_struct_conn.pdbx_dist_value'                
13 4 'Structure model' '_struct_conn.pdbx_leaving_atom_flag'         
14 4 'Structure model' '_struct_conn.ptnr1_auth_asym_id'             
15 4 'Structure model' '_struct_conn.ptnr1_auth_comp_id'             
16 4 'Structure model' '_struct_conn.ptnr1_auth_seq_id'              
17 4 'Structure model' '_struct_conn.ptnr1_label_asym_id'            
18 4 'Structure model' '_struct_conn.ptnr1_label_atom_id'            
19 4 'Structure model' '_struct_conn.ptnr1_label_comp_id'            
20 4 'Structure model' '_struct_conn.ptnr1_label_seq_id'             
21 4 'Structure model' '_struct_conn.ptnr2_auth_asym_id'             
22 4 'Structure model' '_struct_conn.ptnr2_auth_comp_id'             
23 4 'Structure model' '_struct_conn.ptnr2_auth_seq_id'              
24 4 'Structure model' '_struct_conn.ptnr2_label_asym_id'            
25 4 'Structure model' '_struct_conn.ptnr2_label_atom_id'            
26 4 'Structure model' '_struct_conn.ptnr2_label_comp_id'            
27 4 'Structure model' '_struct_conn.ptnr2_label_seq_id'             
28 4 'Structure model' '_struct_conn_type.id'                        
29 4 'Structure model' '_struct_site.pdbx_auth_asym_id'              
30 4 'Structure model' '_struct_site.pdbx_auth_comp_id'              
31 4 'Structure model' '_struct_site.pdbx_auth_seq_id'               
# 
_pdbx_database_status.status_code                     REL 
_pdbx_database_status.entry_id                        388D 
_pdbx_database_status.recvd_initial_deposition_date   1998-04-20 
_pdbx_database_status.deposit_site                    NDB 
_pdbx_database_status.process_site                    NDB 
_pdbx_database_status.status_code_sf                  REL 
_pdbx_database_status.status_code_mr                  ? 
_pdbx_database_status.SG_entry                        ? 
_pdbx_database_status.pdb_format_compatible           Y 
_pdbx_database_status.status_code_cs                  ? 
_pdbx_database_status.status_code_nmr_data            ? 
_pdbx_database_status.methods_development_category    ? 
# 
loop_
_audit_author.name 
_audit_author.pdbx_ordinal 
'Berger, I.'    1 
'Tereshko, V.'  2 
'Ikeda, H.'     3 
'Marquez, V.E.' 4 
'Egli, M.'      5 
# 
_citation.id                        primary 
_citation.title                     
;Crystal structures of B-DNA with incorporated 2'-deoxy-2'-fluoro-arabino-furanosyl thymines: implications of conformational preorganization for duplex stability.
;
_citation.journal_abbrev            'Nucleic Acids Res.' 
_citation.journal_volume            26 
_citation.page_first                2473 
_citation.page_last                 2480 
_citation.year                      1998 
_citation.journal_id_ASTM           NARHAD 
_citation.country                   UK 
_citation.journal_id_ISSN           0305-1048 
_citation.journal_id_CSD            0389 
_citation.book_publisher            ? 
_citation.pdbx_database_id_PubMed   9580702 
_citation.pdbx_database_id_DOI      10.1093/nar/26.10.2473 
# 
loop_
_citation_author.citation_id 
_citation_author.name 
_citation_author.ordinal 
_citation_author.identifier_ORCID 
primary 'Berger, I.'    1 ? 
primary 'Tereshko, V.'  2 ? 
primary 'Ikeda, H.'     3 ? 
primary 'Marquez, V.E.' 4 ? 
primary 'Egli, M.'      5 ? 
# 
loop_
_entity.id 
_entity.type 
_entity.src_method 
_entity.pdbx_description 
_entity.formula_weight 
_entity.pdbx_number_of_molecules 
_entity.pdbx_ec 
_entity.pdbx_mutation 
_entity.pdbx_fragment 
_entity.details 
1 polymer     man 
;DNA (5'-D(*CP*GP*CP*GP*AP*AP*(TAF)P*(TAF)P*CP*GP*CP*G)-3')
;
3699.374 2   ? ? ? ? 
2 non-polymer syn 'MAGNESIUM ION'                                              24.305   1   ? ? ? ? 
3 water       nat water                                                        18.015   177 ? ? ? ? 
# 
_entity_poly.entity_id                      1 
_entity_poly.type                           polydeoxyribonucleotide 
_entity_poly.nstd_linkage                   no 
_entity_poly.nstd_monomer                   yes 
_entity_poly.pdbx_seq_one_letter_code       '(DC)(DG)(DC)(DG)(DA)(DA)(TAF)(TAF)(DC)(DG)(DC)(DG)' 
_entity_poly.pdbx_seq_one_letter_code_can   CGCGAATTCGCG 
_entity_poly.pdbx_strand_id                 A,B 
_entity_poly.pdbx_target_identifier         ? 
# 
loop_
_pdbx_entity_nonpoly.entity_id 
_pdbx_entity_nonpoly.name 
_pdbx_entity_nonpoly.comp_id 
2 'MAGNESIUM ION' MG  
3 water           HOH 
# 
loop_
_entity_poly_seq.entity_id 
_entity_poly_seq.num 
_entity_poly_seq.mon_id 
_entity_poly_seq.hetero 
1 1  DC  n 
1 2  DG  n 
1 3  DC  n 
1 4  DG  n 
1 5  DA  n 
1 6  DA  n 
1 7  TAF n 
1 8  TAF n 
1 9  DC  n 
1 10 DG  n 
1 11 DC  n 
1 12 DG  n 
# 
loop_
_chem_comp.id 
_chem_comp.type 
_chem_comp.mon_nstd_flag 
_chem_comp.name 
_chem_comp.pdbx_synonyms 
_chem_comp.formula 
_chem_comp.formula_weight 
DA  'DNA linking' y "2'-DEOXYADENOSINE-5'-MONOPHOSPHATE"                        ? 'C10 H14 N5 O6 P'   331.222 
DC  'DNA linking' y "2'-DEOXYCYTIDINE-5'-MONOPHOSPHATE"                         ? 'C9 H14 N3 O7 P'    307.197 
DG  'DNA linking' y "2'-DEOXYGUANOSINE-5'-MONOPHOSPHATE"                        ? 'C10 H14 N5 O7 P'   347.221 
HOH non-polymer   . WATER                                                       ? 'H2 O'              18.015  
MG  non-polymer   . 'MAGNESIUM ION'                                             ? 'Mg 2'              24.305  
TAF 'DNA linking' n 
;2'-DEOXY-2'-FLUORO-ARABINO-FURANOSYL THYMINE-5'-PHOSPHATE
;
? 'C10 H14 F N2 O8 P' 340.199 
# 
loop_
_pdbx_poly_seq_scheme.asym_id 
_pdbx_poly_seq_scheme.entity_id 
_pdbx_poly_seq_scheme.seq_id 
_pdbx_poly_seq_scheme.mon_id 
_pdbx_poly_seq_scheme.ndb_seq_num 
_pdbx_poly_seq_scheme.pdb_seq_num 
_pdbx_poly_seq_scheme.auth_seq_num 
_pdbx_poly_seq_scheme.pdb_mon_id 
_pdbx_poly_seq_scheme.auth_mon_id 
_pdbx_poly_seq_scheme.pdb_strand_id 
_pdbx_poly_seq_scheme.pdb_ins_code 
_pdbx_poly_seq_scheme.hetero 
A 1 1  DC  1  1  1  DC  C  A . n 
A 1 2  DG  2  2  2  DG  G  A . n 
A 1 3  DC  3  3  3  DC  C  A . n 
A 1 4  DG  4  4  4  DG  G  A . n 
A 1 5  DA  5  5  5  DA  A  A . n 
A 1 6  DA  6  6  6  DA  A  A . n 
A 1 7  TAF 7  7  7  TAF +T A . n 
A 1 8  TAF 8  8  8  TAF +T A . n 
A 1 9  DC  9  9  9  DC  C  A . n 
A 1 10 DG  10 10 10 DG  G  A . n 
A 1 11 DC  11 11 11 DC  C  A . n 
A 1 12 DG  12 12 12 DG  G  A . n 
B 1 1  DC  1  13 13 DC  C  B . n 
B 1 2  DG  2  14 14 DG  G  B . n 
B 1 3  DC  3  15 15 DC  C  B . n 
B 1 4  DG  4  16 16 DG  G  B . n 
B 1 5  DA  5  17 17 DA  A  B . n 
B 1 6  DA  6  18 18 DA  A  B . n 
B 1 7  TAF 7  19 19 TAF +T B . n 
B 1 8  TAF 8  20 20 TAF +T B . n 
B 1 9  DC  9  21 21 DC  C  B . n 
B 1 10 DG  10 22 22 DG  G  B . n 
B 1 11 DC  11 23 23 DC  C  B . n 
B 1 12 DG  12 24 24 DG  G  B . n 
# 
loop_
_pdbx_nonpoly_scheme.asym_id 
_pdbx_nonpoly_scheme.entity_id 
_pdbx_nonpoly_scheme.mon_id 
_pdbx_nonpoly_scheme.ndb_seq_num 
_pdbx_nonpoly_scheme.pdb_seq_num 
_pdbx_nonpoly_scheme.auth_seq_num 
_pdbx_nonpoly_scheme.pdb_mon_id 
_pdbx_nonpoly_scheme.auth_mon_id 
_pdbx_nonpoly_scheme.pdb_strand_id 
_pdbx_nonpoly_scheme.pdb_ins_code 
C 2 MG  1   25  25  MG  MO6 A . 
D 3 HOH 1   102 102 HOH HOH A . 
D 3 HOH 2   103 103 HOH HOH A . 
D 3 HOH 3   105 105 HOH HOH A . 
D 3 HOH 4   108 108 HOH HOH A . 
D 3 HOH 5   109 109 HOH HOH A . 
D 3 HOH 6   111 111 HOH HOH A . 
D 3 HOH 7   113 113 HOH HOH A . 
D 3 HOH 8   114 114 HOH HOH A . 
D 3 HOH 9   115 115 HOH HOH A . 
D 3 HOH 10  116 116 HOH HOH A . 
D 3 HOH 11  117 117 HOH HOH A . 
D 3 HOH 12  119 119 HOH HOH A . 
D 3 HOH 13  120 120 HOH HOH A . 
D 3 HOH 14  127 127 HOH HOH A . 
D 3 HOH 15  131 131 HOH HOH A . 
D 3 HOH 16  132 132 HOH HOH A . 
D 3 HOH 17  135 135 HOH HOH A . 
D 3 HOH 18  136 136 HOH HOH A . 
D 3 HOH 19  137 137 HOH HOH A . 
D 3 HOH 20  138 138 HOH HOH A . 
D 3 HOH 21  139 139 HOH HOH A . 
D 3 HOH 22  140 140 HOH HOH A . 
D 3 HOH 23  141 141 HOH HOH A . 
D 3 HOH 24  142 142 HOH HOH A . 
D 3 HOH 25  147 147 HOH HOH A . 
D 3 HOH 26  148 148 HOH HOH A . 
D 3 HOH 27  151 151 HOH HOH A . 
D 3 HOH 28  152 152 HOH HOH A . 
D 3 HOH 29  153 153 HOH HOH A . 
D 3 HOH 30  155 155 HOH HOH A . 
D 3 HOH 31  161 161 HOH HOH A . 
D 3 HOH 32  162 162 HOH HOH A . 
D 3 HOH 33  164 164 HOH HOH A . 
D 3 HOH 34  167 167 HOH HOH A . 
D 3 HOH 35  168 168 HOH HOH A . 
D 3 HOH 36  174 174 HOH HOH A . 
D 3 HOH 37  177 177 HOH HOH A . 
D 3 HOH 38  178 178 HOH HOH A . 
D 3 HOH 39  179 179 HOH HOH A . 
D 3 HOH 40  180 180 HOH HOH A . 
D 3 HOH 41  181 181 HOH HOH A . 
D 3 HOH 42  182 182 HOH HOH A . 
D 3 HOH 43  183 183 HOH HOH A . 
D 3 HOH 44  184 184 HOH HOH A . 
D 3 HOH 45  186 186 HOH HOH A . 
D 3 HOH 46  189 189 HOH HOH A . 
D 3 HOH 47  190 190 HOH HOH A . 
D 3 HOH 48  191 191 HOH HOH A . 
D 3 HOH 49  192 192 HOH HOH A . 
D 3 HOH 50  193 193 HOH HOH A . 
D 3 HOH 51  194 194 HOH HOH A . 
D 3 HOH 52  195 195 HOH HOH A . 
D 3 HOH 53  196 196 HOH HOH A . 
D 3 HOH 54  199 199 HOH HOH A . 
D 3 HOH 55  201 201 HOH HOH A . 
D 3 HOH 56  202 202 HOH HOH A . 
D 3 HOH 57  203 203 HOH HOH A . 
D 3 HOH 58  204 204 HOH HOH A . 
D 3 HOH 59  205 205 HOH HOH A . 
D 3 HOH 60  206 206 HOH HOH A . 
D 3 HOH 61  207 207 HOH HOH A . 
D 3 HOH 62  209 209 HOH HOH A . 
D 3 HOH 63  210 210 HOH HOH A . 
D 3 HOH 64  211 211 HOH HOH A . 
D 3 HOH 65  212 212 HOH HOH A . 
D 3 HOH 66  213 213 HOH HOH A . 
D 3 HOH 67  214 214 HOH HOH A . 
D 3 HOH 68  215 215 HOH HOH A . 
D 3 HOH 69  216 216 HOH HOH A . 
D 3 HOH 70  217 217 HOH HOH A . 
D 3 HOH 71  218 218 HOH HOH A . 
D 3 HOH 72  220 220 HOH HOH A . 
D 3 HOH 73  223 223 HOH HOH A . 
D 3 HOH 74  229 229 HOH HOH A . 
D 3 HOH 75  230 230 HOH HOH A . 
D 3 HOH 76  231 231 HOH HOH A . 
D 3 HOH 77  232 232 HOH HOH A . 
D 3 HOH 78  233 233 HOH HOH A . 
D 3 HOH 79  234 234 HOH HOH A . 
D 3 HOH 80  237 237 HOH HOH A . 
D 3 HOH 81  243 243 HOH HOH A . 
D 3 HOH 82  244 244 HOH HOH A . 
D 3 HOH 83  245 245 HOH HOH A . 
D 3 HOH 84  246 246 HOH HOH A . 
D 3 HOH 85  247 247 HOH HOH A . 
D 3 HOH 86  248 248 HOH HOH A . 
D 3 HOH 87  249 249 HOH HOH A . 
D 3 HOH 88  250 250 HOH HOH A . 
D 3 HOH 89  251 251 HOH HOH A . 
D 3 HOH 90  254 254 HOH HOH A . 
D 3 HOH 91  256 256 HOH HOH A . 
D 3 HOH 92  257 257 HOH HOH A . 
D 3 HOH 93  261 261 HOH HOH A . 
D 3 HOH 94  262 262 HOH HOH A . 
D 3 HOH 95  266 266 HOH HOH A . 
D 3 HOH 96  269 269 HOH HOH A . 
D 3 HOH 97  270 270 HOH HOH A . 
D 3 HOH 98  271 271 HOH HOH A . 
D 3 HOH 99  273 25  HOH MO6 A . 
D 3 HOH 100 274 25  HOH MO6 A . 
D 3 HOH 101 275 25  HOH MO6 A . 
D 3 HOH 102 276 25  HOH MO6 A . 
E 3 HOH 1   101 101 HOH HOH B . 
E 3 HOH 2   104 104 HOH HOH B . 
E 3 HOH 3   106 106 HOH HOH B . 
E 3 HOH 4   107 107 HOH HOH B . 
E 3 HOH 5   110 110 HOH HOH B . 
E 3 HOH 6   112 112 HOH HOH B . 
E 3 HOH 7   118 118 HOH HOH B . 
E 3 HOH 8   121 121 HOH HOH B . 
E 3 HOH 9   122 122 HOH HOH B . 
E 3 HOH 10  123 123 HOH HOH B . 
E 3 HOH 11  124 124 HOH HOH B . 
E 3 HOH 12  125 125 HOH HOH B . 
E 3 HOH 13  126 126 HOH HOH B . 
E 3 HOH 14  128 128 HOH HOH B . 
E 3 HOH 15  129 129 HOH HOH B . 
E 3 HOH 16  130 130 HOH HOH B . 
E 3 HOH 17  133 133 HOH HOH B . 
E 3 HOH 18  134 134 HOH HOH B . 
E 3 HOH 19  143 143 HOH HOH B . 
E 3 HOH 20  144 144 HOH HOH B . 
E 3 HOH 21  145 145 HOH HOH B . 
E 3 HOH 22  146 146 HOH HOH B . 
E 3 HOH 23  149 149 HOH HOH B . 
E 3 HOH 24  150 150 HOH HOH B . 
E 3 HOH 25  154 154 HOH HOH B . 
E 3 HOH 26  156 156 HOH HOH B . 
E 3 HOH 27  157 157 HOH HOH B . 
E 3 HOH 28  158 158 HOH HOH B . 
E 3 HOH 29  159 159 HOH HOH B . 
E 3 HOH 30  160 160 HOH HOH B . 
E 3 HOH 31  163 163 HOH HOH B . 
E 3 HOH 32  165 165 HOH HOH B . 
E 3 HOH 33  166 166 HOH HOH B . 
E 3 HOH 34  169 169 HOH HOH B . 
E 3 HOH 35  170 170 HOH HOH B . 
E 3 HOH 36  171 171 HOH HOH B . 
E 3 HOH 37  172 172 HOH HOH B . 
E 3 HOH 38  173 173 HOH HOH B . 
E 3 HOH 39  175 175 HOH HOH B . 
E 3 HOH 40  176 176 HOH HOH B . 
E 3 HOH 41  185 185 HOH HOH B . 
E 3 HOH 42  187 187 HOH HOH B . 
E 3 HOH 43  188 188 HOH HOH B . 
E 3 HOH 44  197 197 HOH HOH B . 
E 3 HOH 45  198 198 HOH HOH B . 
E 3 HOH 46  200 200 HOH HOH B . 
E 3 HOH 47  208 208 HOH HOH B . 
E 3 HOH 48  219 219 HOH HOH B . 
E 3 HOH 49  221 221 HOH HOH B . 
E 3 HOH 50  222 222 HOH HOH B . 
E 3 HOH 51  224 224 HOH HOH B . 
E 3 HOH 52  225 225 HOH HOH B . 
E 3 HOH 53  226 226 HOH HOH B . 
E 3 HOH 54  227 227 HOH HOH B . 
E 3 HOH 55  228 228 HOH HOH B . 
E 3 HOH 56  235 235 HOH HOH B . 
E 3 HOH 57  236 236 HOH HOH B . 
E 3 HOH 58  238 238 HOH HOH B . 
E 3 HOH 59  239 239 HOH HOH B . 
E 3 HOH 60  240 240 HOH HOH B . 
E 3 HOH 61  241 241 HOH HOH B . 
E 3 HOH 62  242 242 HOH HOH B . 
E 3 HOH 63  252 252 HOH HOH B . 
E 3 HOH 64  253 253 HOH HOH B . 
E 3 HOH 65  255 255 HOH HOH B . 
E 3 HOH 66  258 258 HOH HOH B . 
E 3 HOH 67  259 259 HOH HOH B . 
E 3 HOH 68  260 260 HOH HOH B . 
E 3 HOH 69  263 263 HOH HOH B . 
E 3 HOH 70  264 264 HOH HOH B . 
E 3 HOH 71  265 265 HOH HOH B . 
E 3 HOH 72  267 267 HOH HOH B . 
E 3 HOH 73  268 268 HOH HOH B . 
E 3 HOH 74  272 25  HOH MO6 B . 
E 3 HOH 75  277 25  HOH MO6 B . 
# 
loop_
_software.name 
_software.classification 
_software.version 
_software.citation_id 
_software.pdbx_ordinal 
X-PLOR    refinement       3.851 ? 1 
DENZO     'data reduction' .     ? 2 
SCALEPACK 'data scaling'   .     ? 3 
# 
_cell.entry_id           388D 
_cell.length_a           24.930 
_cell.length_b           39.820 
_cell.length_c           65.620 
_cell.angle_alpha        90.00 
_cell.angle_beta         90.00 
_cell.angle_gamma        90.00 
_cell.Z_PDB              8 
_cell.pdbx_unique_axis   ? 
# 
_symmetry.entry_id                         388D 
_symmetry.space_group_name_H-M             'P 21 21 21' 
_symmetry.pdbx_full_space_group_name_H-M   ? 
_symmetry.cell_setting                     ? 
_symmetry.Int_Tables_number                19 
# 
_exptl.entry_id          388D 
_exptl.method            'X-RAY DIFFRACTION' 
_exptl.crystals_number   1 
# 
_exptl_crystal.id                    1 
_exptl_crystal.density_meas          ? 
_exptl_crystal.density_Matthews      2.20 
_exptl_crystal.density_percent_sol   44.12 
_exptl_crystal.description           ? 
# 
_exptl_crystal_grow.crystal_id      1 
_exptl_crystal_grow.method          'VAPOR DIFFUSION, SITTING DROP' 
_exptl_crystal_grow.temp            ? 
_exptl_crystal_grow.temp_details    ? 
_exptl_crystal_grow.pH              7.00 
_exptl_crystal_grow.pdbx_details    'pH 7.00, VAPOR DIFFUSION, SITTING DROP' 
_exptl_crystal_grow.pdbx_pH_range   ? 
# 
loop_
_exptl_crystal_grow_comp.crystal_id 
_exptl_crystal_grow_comp.id 
_exptl_crystal_grow_comp.sol_id 
_exptl_crystal_grow_comp.name 
_exptl_crystal_grow_comp.volume 
_exptl_crystal_grow_comp.conc 
_exptl_crystal_grow_comp.details 
1 1 1 WATER                    ? ? ? 
1 2 1 'NA CACODYLATE'          ? ? ? 
1 3 1 'MG ACETATE'             ? ? ? 
1 4 1 'SPERMINE TETRACLORIDE'  ? ? ? 
1 5 2 WATER                    ? ? ? 
1 6 2 2-METHYL-2,4-PENTANEDIOL ? ? ? 
# 
_diffrn.id                     1 
_diffrn.ambient_temp           100.00 
_diffrn.ambient_temp_details   ? 
_diffrn.crystal_id             1 
# 
_diffrn_detector.diffrn_id              1 
_diffrn_detector.detector               'IMAGE PLATE' 
_diffrn_detector.type                   'RIGAKU RAXIS II' 
_diffrn_detector.pdbx_collection_date   1997-02-24 
_diffrn_detector.details                ? 
# 
_diffrn_radiation.diffrn_id                        1 
_diffrn_radiation.wavelength_id                    1 
_diffrn_radiation.pdbx_monochromatic_or_laue_m_l   M 
_diffrn_radiation.monochromator                    ? 
_diffrn_radiation.pdbx_diffrn_protocol             ? 
_diffrn_radiation.pdbx_scattering_type             x-ray 
# 
_diffrn_radiation_wavelength.id           1 
_diffrn_radiation_wavelength.wavelength   . 
_diffrn_radiation_wavelength.wt           1.0 
# 
_diffrn_source.diffrn_id                   1 
_diffrn_source.source                      ? 
_diffrn_source.type                        ? 
_diffrn_source.pdbx_synchrotron_site       ? 
_diffrn_source.pdbx_synchrotron_beamline   ? 
_diffrn_source.pdbx_wavelength             ? 
_diffrn_source.pdbx_wavelength_list        ? 
# 
_reflns.entry_id                     388D 
_reflns.observed_criterion_sigma_I   1.000 
_reflns.observed_criterion_sigma_F   ? 
_reflns.d_resolution_low             34.000 
_reflns.d_resolution_high            1.500 
_reflns.number_obs                   8010 
_reflns.number_all                   ? 
_reflns.percent_possible_obs         ? 
_reflns.pdbx_Rmerge_I_obs            0.058 
_reflns.pdbx_Rsym_value              ? 
_reflns.pdbx_netI_over_sigmaI        ? 
_reflns.B_iso_Wilson_estimate        ? 
_reflns.pdbx_redundancy              7.500 
_reflns.pdbx_diffrn_id               1 
_reflns.pdbx_ordinal                 1 
# 
_refine.entry_id                                 388D 
_refine.ls_number_reflns_obs                     7894 
_refine.ls_number_reflns_all                     ? 
_refine.pdbx_ls_sigma_I                          ? 
_refine.pdbx_ls_sigma_F                          2.000 
_refine.pdbx_data_cutoff_high_absF               ? 
_refine.pdbx_data_cutoff_low_absF                ? 
_refine.pdbx_data_cutoff_high_rms_absF           ? 
_refine.ls_d_res_low                             8.000 
_refine.ls_d_res_high                            1.550 
_refine.ls_percent_reflns_obs                    79.700 
_refine.ls_R_factor_obs                          0.208 
_refine.ls_R_factor_all                          ? 
_refine.ls_R_factor_R_work                       0.208 
_refine.ls_R_factor_R_free                       ? 
_refine.ls_R_factor_R_free_error                 ? 
_refine.ls_R_factor_R_free_error_details         ? 
_refine.ls_percent_reflns_R_free                 ? 
_refine.ls_number_reflns_R_free                  ? 
_refine.ls_number_parameters                     ? 
_refine.ls_number_restraints                     ? 
_refine.occupancy_min                            ? 
_refine.occupancy_max                            ? 
_refine.B_iso_mean                               ? 
_refine.aniso_B[1][1]                            ? 
_refine.aniso_B[2][2]                            ? 
_refine.aniso_B[3][3]                            ? 
_refine.aniso_B[1][2]                            ? 
_refine.aniso_B[1][3]                            ? 
_refine.aniso_B[2][3]                            ? 
_refine.solvent_model_details                    ? 
_refine.solvent_model_param_ksol                 ? 
_refine.solvent_model_param_bsol                 ? 
_refine.pdbx_ls_cross_valid_method               ? 
_refine.details                                  ? 
_refine.pdbx_starting_model                      ? 
_refine.pdbx_method_to_determine_struct          ? 
_refine.pdbx_isotropic_thermal_model             ? 
_refine.pdbx_stereochemistry_target_values       ? 
_refine.pdbx_stereochem_target_val_spec_case     ? 
_refine.pdbx_R_Free_selection_details            ? 
_refine.pdbx_overall_ESU_R                       ? 
_refine.pdbx_overall_ESU_R_Free                  ? 
_refine.overall_SU_ML                            ? 
_refine.overall_SU_B                             ? 
_refine.pdbx_refine_id                           'X-RAY DIFFRACTION' 
_refine.pdbx_diffrn_id                           1 
_refine.pdbx_TLS_residual_ADP_flag               ? 
_refine.correlation_coeff_Fo_to_Fc               ? 
_refine.correlation_coeff_Fo_to_Fc_free          ? 
_refine.pdbx_solvent_vdw_probe_radii             ? 
_refine.pdbx_solvent_ion_probe_radii             ? 
_refine.pdbx_solvent_shrinkage_radii             ? 
_refine.pdbx_overall_phase_error                 ? 
_refine.overall_SU_R_Cruickshank_DPI             ? 
_refine.pdbx_overall_SU_R_free_Cruickshank_DPI   ? 
_refine.pdbx_overall_SU_R_Blow_DPI               ? 
_refine.pdbx_overall_SU_R_free_Blow_DPI          ? 
# 
_refine_hist.pdbx_refine_id                   'X-RAY DIFFRACTION' 
_refine_hist.cycle_id                         LAST 
_refine_hist.pdbx_number_atoms_protein        0 
_refine_hist.pdbx_number_atoms_nucleic_acid   486 
_refine_hist.pdbx_number_atoms_ligand         11 
_refine_hist.number_atoms_solvent             171 
_refine_hist.number_atoms_total               668 
_refine_hist.d_res_high                       1.550 
_refine_hist.d_res_low                        8.000 
# 
loop_
_refine_ls_restr.type 
_refine_ls_restr.dev_ideal 
_refine_ls_restr.dev_ideal_target 
_refine_ls_restr.weight 
_refine_ls_restr.number 
_refine_ls_restr.pdbx_refine_id 
_refine_ls_restr.pdbx_restraint_function 
x_bond_d                0.011 ? ? ? 'X-RAY DIFFRACTION' ? 
x_bond_d_na             ?     ? ? ? 'X-RAY DIFFRACTION' ? 
x_bond_d_prot           ?     ? ? ? 'X-RAY DIFFRACTION' ? 
x_angle_d               ?     ? ? ? 'X-RAY DIFFRACTION' ? 
x_angle_d_na            ?     ? ? ? 'X-RAY DIFFRACTION' ? 
x_angle_d_prot          ?     ? ? ? 'X-RAY DIFFRACTION' ? 
x_angle_deg             1.88  ? ? ? 'X-RAY DIFFRACTION' ? 
x_angle_deg_na          ?     ? ? ? 'X-RAY DIFFRACTION' ? 
x_angle_deg_prot        ?     ? ? ? 'X-RAY DIFFRACTION' ? 
x_dihedral_angle_d      ?     ? ? ? 'X-RAY DIFFRACTION' ? 
x_dihedral_angle_d_na   ?     ? ? ? 'X-RAY DIFFRACTION' ? 
x_dihedral_angle_d_prot ?     ? ? ? 'X-RAY DIFFRACTION' ? 
x_improper_angle_d      ?     ? ? ? 'X-RAY DIFFRACTION' ? 
x_improper_angle_d_na   ?     ? ? ? 'X-RAY DIFFRACTION' ? 
x_improper_angle_d_prot ?     ? ? ? 'X-RAY DIFFRACTION' ? 
x_mcbond_it             ?     ? ? ? 'X-RAY DIFFRACTION' ? 
x_mcangle_it            ?     ? ? ? 'X-RAY DIFFRACTION' ? 
x_scbond_it             ?     ? ? ? 'X-RAY DIFFRACTION' ? 
x_scangle_it            ?     ? ? ? 'X-RAY DIFFRACTION' ? 
# 
_struct.entry_id                  388D 
_struct.title                     
;CRYSTAL STRUCTURE OF B-DNA WITH INCORPORATED 2'-DEOXY-2'-FLUORO-ARABINO-FURANOSYL THYMINES: IMPLICATIONS OF CONFORMATIONAL PREORGANIZATION FOR DUPLEX STABILITY
;
_struct.pdbx_model_details        ? 
_struct.pdbx_CASP_flag            ? 
_struct.pdbx_model_type_details   ? 
# 
_struct_keywords.entry_id        388D 
_struct_keywords.pdbx_keywords   DNA 
_struct_keywords.text            'B-DNA, DOUBLE HELIX, MODIFIED, DNA' 
# 
loop_
_struct_asym.id 
_struct_asym.pdbx_blank_PDB_chainid_flag 
_struct_asym.pdbx_modified 
_struct_asym.entity_id 
_struct_asym.details 
A N N 1 ? 
B N N 1 ? 
C N N 2 ? 
D N N 3 ? 
E N N 3 ? 
# 
_struct_ref.id                         1 
_struct_ref.entity_id                  1 
_struct_ref.db_name                    PDB 
_struct_ref.db_code                    388D 
_struct_ref.pdbx_db_accession          388D 
_struct_ref.pdbx_db_isoform            ? 
_struct_ref.pdbx_seq_one_letter_code   ? 
_struct_ref.pdbx_align_begin           ? 
# 
loop_
_struct_ref_seq.align_id 
_struct_ref_seq.ref_id 
_struct_ref_seq.pdbx_PDB_id_code 
_struct_ref_seq.pdbx_strand_id 
_struct_ref_seq.seq_align_beg 
_struct_ref_seq.pdbx_seq_align_beg_ins_code 
_struct_ref_seq.seq_align_end 
_struct_ref_seq.pdbx_seq_align_end_ins_code 
_struct_ref_seq.pdbx_db_accession 
_struct_ref_seq.db_align_beg 
_struct_ref_seq.pdbx_db_align_beg_ins_code 
_struct_ref_seq.db_align_end 
_struct_ref_seq.pdbx_db_align_end_ins_code 
_struct_ref_seq.pdbx_auth_seq_align_beg 
_struct_ref_seq.pdbx_auth_seq_align_end 
1 1 388D A 1 ? 12 ? 388D 1  ? 12 ? 1  12 
2 1 388D B 1 ? 12 ? 388D 13 ? 24 ? 13 24 
# 
_pdbx_struct_assembly.id                   1 
_pdbx_struct_assembly.details              author_defined_assembly 
_pdbx_struct_assembly.method_details       ? 
_pdbx_struct_assembly.oligomeric_details   dimeric 
_pdbx_struct_assembly.oligomeric_count     2 
# 
_pdbx_struct_assembly_gen.assembly_id       1 
_pdbx_struct_assembly_gen.oper_expression   1 
_pdbx_struct_assembly_gen.asym_id_list      A,B,C,D,E 
# 
_pdbx_struct_oper_list.id                   1 
_pdbx_struct_oper_list.type                 'identity operation' 
_pdbx_struct_oper_list.name                 1_555 
_pdbx_struct_oper_list.symmetry_operation   x,y,z 
_pdbx_struct_oper_list.matrix[1][1]         1.0000000000 
_pdbx_struct_oper_list.matrix[1][2]         0.0000000000 
_pdbx_struct_oper_list.matrix[1][3]         0.0000000000 
_pdbx_struct_oper_list.vector[1]            0.0000000000 
_pdbx_struct_oper_list.matrix[2][1]         0.0000000000 
_pdbx_struct_oper_list.matrix[2][2]         1.0000000000 
_pdbx_struct_oper_list.matrix[2][3]         0.0000000000 
_pdbx_struct_oper_list.vector[2]            0.0000000000 
_pdbx_struct_oper_list.matrix[3][1]         0.0000000000 
_pdbx_struct_oper_list.matrix[3][2]         0.0000000000 
_pdbx_struct_oper_list.matrix[3][3]         1.0000000000 
_pdbx_struct_oper_list.vector[3]            0.0000000000 
# 
_struct_biol.id   1 
# 
loop_
_struct_conn.id 
_struct_conn.conn_type_id 
_struct_conn.pdbx_leaving_atom_flag 
_struct_conn.pdbx_PDB_id 
_struct_conn.ptnr1_label_asym_id 
_struct_conn.ptnr1_label_comp_id 
_struct_conn.ptnr1_label_seq_id 
_struct_conn.ptnr1_label_atom_id 
_struct_conn.pdbx_ptnr1_label_alt_id 
_struct_conn.pdbx_ptnr1_PDB_ins_code 
_struct_conn.pdbx_ptnr1_standard_comp_id 
_struct_conn.ptnr1_symmetry 
_struct_conn.ptnr2_label_asym_id 
_struct_conn.ptnr2_label_comp_id 
_struct_conn.ptnr2_label_seq_id 
_struct_conn.ptnr2_label_atom_id 
_struct_conn.pdbx_ptnr2_label_alt_id 
_struct_conn.pdbx_ptnr2_PDB_ins_code 
_struct_conn.ptnr1_auth_asym_id 
_struct_conn.ptnr1_auth_comp_id 
_struct_conn.ptnr1_auth_seq_id 
_struct_conn.ptnr2_auth_asym_id 
_struct_conn.ptnr2_auth_comp_id 
_struct_conn.ptnr2_auth_seq_id 
_struct_conn.ptnr2_symmetry 
_struct_conn.pdbx_ptnr3_label_atom_id 
_struct_conn.pdbx_ptnr3_label_seq_id 
_struct_conn.pdbx_ptnr3_label_comp_id 
_struct_conn.pdbx_ptnr3_label_asym_id 
_struct_conn.pdbx_ptnr3_label_alt_id 
_struct_conn.pdbx_ptnr3_PDB_ins_code 
_struct_conn.details 
_struct_conn.pdbx_dist_value 
_struct_conn.pdbx_value_order 
_struct_conn.pdbx_role 
covale1  covale both ? A DA  6  "O3'" ? ? ? 1_555 A TAF 7  P  ? ? A DA  6  A TAF 7   1_555 ? ? ? ? ? ? ?            1.615 ? ? 
covale2  covale one  ? A TAF 7  "O3'" ? ? ? 1_555 A TAF 8  P  ? ? A TAF 7  A TAF 8   1_555 ? ? ? ? ? ? ?            1.621 ? ? 
covale3  covale one  ? A TAF 8  "O3'" ? ? ? 1_555 A DC  9  P  ? ? A TAF 8  A DC  9   1_555 ? ? ? ? ? ? ?            1.629 ? ? 
covale4  covale both ? B DA  6  "O3'" ? ? ? 1_555 B TAF 7  P  ? ? B DA  18 B TAF 19  1_555 ? ? ? ? ? ? ?            1.571 ? ? 
covale5  covale one  ? B TAF 7  "O3'" ? ? ? 1_555 B TAF 8  P  ? ? B TAF 19 B TAF 20  1_555 ? ? ? ? ? ? ?            1.577 ? ? 
covale6  covale one  ? B TAF 8  "O3'" ? ? ? 1_555 B DC  9  P  ? ? B TAF 20 B DC  21  1_555 ? ? ? ? ? ? ?            1.611 ? ? 
metalc1  metalc ?    ? C MG  .  MG    ? ? ? 1_555 D HOH .  O  ? ? A MG  25 A HOH 273 1_555 ? ? ? ? ? ? ?            2.085 ? ? 
metalc2  metalc ?    ? C MG  .  MG    ? ? ? 1_555 D HOH .  O  ? ? A MG  25 A HOH 274 1_555 ? ? ? ? ? ? ?            2.162 ? ? 
metalc3  metalc ?    ? C MG  .  MG    ? ? ? 1_555 D HOH .  O  ? ? A MG  25 A HOH 275 1_555 ? ? ? ? ? ? ?            2.088 ? ? 
metalc4  metalc ?    ? C MG  .  MG    ? ? ? 1_555 D HOH .  O  ? ? A MG  25 A HOH 276 1_555 ? ? ? ? ? ? ?            2.113 ? ? 
metalc5  metalc ?    ? C MG  .  MG    ? ? ? 1_555 E HOH .  O  ? ? A MG  25 B HOH 272 1_555 ? ? ? ? ? ? ?            2.115 ? ? 
metalc6  metalc ?    ? C MG  .  MG    ? ? ? 1_555 E HOH .  O  ? ? A MG  25 B HOH 277 1_555 ? ? ? ? ? ? ?            2.115 ? ? 
hydrog1  hydrog ?    ? A DC  1  N3    ? ? ? 1_555 B DG  12 N1 ? ? A DC  1  B DG  24  1_555 ? ? ? ? ? ? WATSON-CRICK ?     ? ? 
hydrog2  hydrog ?    ? A DC  1  N4    ? ? ? 1_555 B DG  12 O6 ? ? A DC  1  B DG  24  1_555 ? ? ? ? ? ? WATSON-CRICK ?     ? ? 
hydrog3  hydrog ?    ? A DC  1  O2    ? ? ? 1_555 B DG  12 N2 ? ? A DC  1  B DG  24  1_555 ? ? ? ? ? ? WATSON-CRICK ?     ? ? 
hydrog4  hydrog ?    ? A DG  2  N1    ? ? ? 1_555 B DC  11 N3 ? ? A DG  2  B DC  23  1_555 ? ? ? ? ? ? WATSON-CRICK ?     ? ? 
hydrog5  hydrog ?    ? A DG  2  N2    ? ? ? 1_555 B DC  11 O2 ? ? A DG  2  B DC  23  1_555 ? ? ? ? ? ? WATSON-CRICK ?     ? ? 
hydrog6  hydrog ?    ? A DG  2  O6    ? ? ? 1_555 B DC  11 N4 ? ? A DG  2  B DC  23  1_555 ? ? ? ? ? ? WATSON-CRICK ?     ? ? 
hydrog7  hydrog ?    ? A DC  3  N3    ? ? ? 1_555 B DG  10 N1 ? ? A DC  3  B DG  22  1_555 ? ? ? ? ? ? WATSON-CRICK ?     ? ? 
hydrog8  hydrog ?    ? A DC  3  N4    ? ? ? 1_555 B DG  10 O6 ? ? A DC  3  B DG  22  1_555 ? ? ? ? ? ? WATSON-CRICK ?     ? ? 
hydrog9  hydrog ?    ? A DC  3  O2    ? ? ? 1_555 B DG  10 N2 ? ? A DC  3  B DG  22  1_555 ? ? ? ? ? ? WATSON-CRICK ?     ? ? 
hydrog10 hydrog ?    ? A DG  4  N1    ? ? ? 1_555 B DC  9  N3 ? ? A DG  4  B DC  21  1_555 ? ? ? ? ? ? WATSON-CRICK ?     ? ? 
hydrog11 hydrog ?    ? A DG  4  N2    ? ? ? 1_555 B DC  9  O2 ? ? A DG  4  B DC  21  1_555 ? ? ? ? ? ? WATSON-CRICK ?     ? ? 
hydrog12 hydrog ?    ? A DG  4  O6    ? ? ? 1_555 B DC  9  N4 ? ? A DG  4  B DC  21  1_555 ? ? ? ? ? ? WATSON-CRICK ?     ? ? 
hydrog13 hydrog ?    ? A DA  5  N1    ? ? ? 1_555 B TAF 8  N3 ? ? A DA  5  B TAF 20  1_555 ? ? ? ? ? ? WATSON-CRICK ?     ? ? 
hydrog14 hydrog ?    ? A DA  5  N6    ? ? ? 1_555 B TAF 8  O4 ? ? A DA  5  B TAF 20  1_555 ? ? ? ? ? ? WATSON-CRICK ?     ? ? 
hydrog15 hydrog ?    ? A DA  6  N1    ? ? ? 1_555 B TAF 7  N3 ? ? A DA  6  B TAF 19  1_555 ? ? ? ? ? ? WATSON-CRICK ?     ? ? 
hydrog16 hydrog ?    ? A DA  6  N6    ? ? ? 1_555 B TAF 7  O4 ? ? A DA  6  B TAF 19  1_555 ? ? ? ? ? ? WATSON-CRICK ?     ? ? 
hydrog17 hydrog ?    ? A TAF 7  N3    ? ? ? 1_555 B DA  6  N1 ? ? A TAF 7  B DA  18  1_555 ? ? ? ? ? ? WATSON-CRICK ?     ? ? 
hydrog18 hydrog ?    ? A TAF 7  O4    ? ? ? 1_555 B DA  6  N6 ? ? A TAF 7  B DA  18  1_555 ? ? ? ? ? ? WATSON-CRICK ?     ? ? 
hydrog19 hydrog ?    ? A TAF 8  N3    ? ? ? 1_555 B DA  5  N1 ? ? A TAF 8  B DA  17  1_555 ? ? ? ? ? ? WATSON-CRICK ?     ? ? 
hydrog20 hydrog ?    ? A TAF 8  O4    ? ? ? 1_555 B DA  5  N6 ? ? A TAF 8  B DA  17  1_555 ? ? ? ? ? ? WATSON-CRICK ?     ? ? 
hydrog21 hydrog ?    ? A DC  9  N3    ? ? ? 1_555 B DG  4  N1 ? ? A DC  9  B DG  16  1_555 ? ? ? ? ? ? WATSON-CRICK ?     ? ? 
hydrog22 hydrog ?    ? A DC  9  N4    ? ? ? 1_555 B DG  4  O6 ? ? A DC  9  B DG  16  1_555 ? ? ? ? ? ? WATSON-CRICK ?     ? ? 
hydrog23 hydrog ?    ? A DC  9  O2    ? ? ? 1_555 B DG  4  N2 ? ? A DC  9  B DG  16  1_555 ? ? ? ? ? ? WATSON-CRICK ?     ? ? 
hydrog24 hydrog ?    ? A DG  10 N1    ? ? ? 1_555 B DC  3  N3 ? ? A DG  10 B DC  15  1_555 ? ? ? ? ? ? WATSON-CRICK ?     ? ? 
hydrog25 hydrog ?    ? A DG  10 N2    ? ? ? 1_555 B DC  3  O2 ? ? A DG  10 B DC  15  1_555 ? ? ? ? ? ? WATSON-CRICK ?     ? ? 
hydrog26 hydrog ?    ? A DG  10 O6    ? ? ? 1_555 B DC  3  N4 ? ? A DG  10 B DC  15  1_555 ? ? ? ? ? ? WATSON-CRICK ?     ? ? 
hydrog27 hydrog ?    ? A DC  11 N3    ? ? ? 1_555 B DG  2  N1 ? ? A DC  11 B DG  14  1_555 ? ? ? ? ? ? WATSON-CRICK ?     ? ? 
hydrog28 hydrog ?    ? A DC  11 N4    ? ? ? 1_555 B DG  2  O6 ? ? A DC  11 B DG  14  1_555 ? ? ? ? ? ? WATSON-CRICK ?     ? ? 
hydrog29 hydrog ?    ? A DC  11 O2    ? ? ? 1_555 B DG  2  N2 ? ? A DC  11 B DG  14  1_555 ? ? ? ? ? ? WATSON-CRICK ?     ? ? 
hydrog30 hydrog ?    ? A DG  12 N1    ? ? ? 1_555 B DC  1  N3 ? ? A DG  12 B DC  13  1_555 ? ? ? ? ? ? WATSON-CRICK ?     ? ? 
hydrog31 hydrog ?    ? A DG  12 N2    ? ? ? 1_555 B DC  1  O2 ? ? A DG  12 B DC  13  1_555 ? ? ? ? ? ? WATSON-CRICK ?     ? ? 
hydrog32 hydrog ?    ? A DG  12 O6    ? ? ? 1_555 B DC  1  N4 ? ? A DG  12 B DC  13  1_555 ? ? ? ? ? ? WATSON-CRICK ?     ? ? 
# 
loop_
_struct_conn_type.id 
_struct_conn_type.criteria 
_struct_conn_type.reference 
covale ? ? 
metalc ? ? 
hydrog ? ? 
# 
loop_
_pdbx_struct_conn_angle.id 
_pdbx_struct_conn_angle.ptnr1_label_atom_id 
_pdbx_struct_conn_angle.ptnr1_label_alt_id 
_pdbx_struct_conn_angle.ptnr1_label_asym_id 
_pdbx_struct_conn_angle.ptnr1_label_comp_id 
_pdbx_struct_conn_angle.ptnr1_label_seq_id 
_pdbx_struct_conn_angle.ptnr1_auth_atom_id 
_pdbx_struct_conn_angle.ptnr1_auth_asym_id 
_pdbx_struct_conn_angle.ptnr1_auth_comp_id 
_pdbx_struct_conn_angle.ptnr1_auth_seq_id 
_pdbx_struct_conn_angle.ptnr1_PDB_ins_code 
_pdbx_struct_conn_angle.ptnr1_symmetry 
_pdbx_struct_conn_angle.ptnr2_label_atom_id 
_pdbx_struct_conn_angle.ptnr2_label_alt_id 
_pdbx_struct_conn_angle.ptnr2_label_asym_id 
_pdbx_struct_conn_angle.ptnr2_label_comp_id 
_pdbx_struct_conn_angle.ptnr2_label_seq_id 
_pdbx_struct_conn_angle.ptnr2_auth_atom_id 
_pdbx_struct_conn_angle.ptnr2_auth_asym_id 
_pdbx_struct_conn_angle.ptnr2_auth_comp_id 
_pdbx_struct_conn_angle.ptnr2_auth_seq_id 
_pdbx_struct_conn_angle.ptnr2_PDB_ins_code 
_pdbx_struct_conn_angle.ptnr2_symmetry 
_pdbx_struct_conn_angle.ptnr3_label_atom_id 
_pdbx_struct_conn_angle.ptnr3_label_alt_id 
_pdbx_struct_conn_angle.ptnr3_label_asym_id 
_pdbx_struct_conn_angle.ptnr3_label_comp_id 
_pdbx_struct_conn_angle.ptnr3_label_seq_id 
_pdbx_struct_conn_angle.ptnr3_auth_atom_id 
_pdbx_struct_conn_angle.ptnr3_auth_asym_id 
_pdbx_struct_conn_angle.ptnr3_auth_comp_id 
_pdbx_struct_conn_angle.ptnr3_auth_seq_id 
_pdbx_struct_conn_angle.ptnr3_PDB_ins_code 
_pdbx_struct_conn_angle.ptnr3_symmetry 
_pdbx_struct_conn_angle.value 
_pdbx_struct_conn_angle.value_esd 
1  O ? D HOH . ? A HOH 273 ? 1_555 MG ? C MG . ? A MG 25 ? 1_555 O ? D HOH . ? A HOH 274 ? 1_555 89.6  ? 
2  O ? D HOH . ? A HOH 273 ? 1_555 MG ? C MG . ? A MG 25 ? 1_555 O ? D HOH . ? A HOH 275 ? 1_555 90.2  ? 
3  O ? D HOH . ? A HOH 274 ? 1_555 MG ? C MG . ? A MG 25 ? 1_555 O ? D HOH . ? A HOH 275 ? 1_555 89.8  ? 
4  O ? D HOH . ? A HOH 273 ? 1_555 MG ? C MG . ? A MG 25 ? 1_555 O ? D HOH . ? A HOH 276 ? 1_555 90.2  ? 
5  O ? D HOH . ? A HOH 274 ? 1_555 MG ? C MG . ? A MG 25 ? 1_555 O ? D HOH . ? A HOH 276 ? 1_555 176.2 ? 
6  O ? D HOH . ? A HOH 275 ? 1_555 MG ? C MG . ? A MG 25 ? 1_555 O ? D HOH . ? A HOH 276 ? 1_555 93.9  ? 
7  O ? D HOH . ? A HOH 273 ? 1_555 MG ? C MG . ? A MG 25 ? 1_555 O ? E HOH . ? B HOH 272 ? 1_555 93.6  ? 
8  O ? D HOH . ? A HOH 274 ? 1_555 MG ? C MG . ? A MG 25 ? 1_555 O ? E HOH . ? B HOH 272 ? 1_555 85.2  ? 
9  O ? D HOH . ? A HOH 275 ? 1_555 MG ? C MG . ? A MG 25 ? 1_555 O ? E HOH . ? B HOH 272 ? 1_555 173.7 ? 
10 O ? D HOH . ? A HOH 276 ? 1_555 MG ? C MG . ? A MG 25 ? 1_555 O ? E HOH . ? B HOH 272 ? 1_555 91.1  ? 
11 O ? D HOH . ? A HOH 273 ? 1_555 MG ? C MG . ? A MG 25 ? 1_555 O ? E HOH . ? B HOH 277 ? 1_555 175.7 ? 
12 O ? D HOH . ? A HOH 274 ? 1_555 MG ? C MG . ? A MG 25 ? 1_555 O ? E HOH . ? B HOH 277 ? 1_555 87.0  ? 
13 O ? D HOH . ? A HOH 275 ? 1_555 MG ? C MG . ? A MG 25 ? 1_555 O ? E HOH . ? B HOH 277 ? 1_555 87.2  ? 
14 O ? D HOH . ? A HOH 276 ? 1_555 MG ? C MG . ? A MG 25 ? 1_555 O ? E HOH . ? B HOH 277 ? 1_555 93.3  ? 
15 O ? E HOH . ? B HOH 272 ? 1_555 MG ? C MG . ? A MG 25 ? 1_555 O ? E HOH . ? B HOH 277 ? 1_555 88.7  ? 
# 
_struct_site.id                   AC1 
_struct_site.pdbx_evidence_code   Software 
_struct_site.pdbx_auth_asym_id    A 
_struct_site.pdbx_auth_comp_id    MG 
_struct_site.pdbx_auth_seq_id     25 
_struct_site.pdbx_auth_ins_code   ? 
_struct_site.pdbx_num_residues    6 
_struct_site.details              'BINDING SITE FOR RESIDUE MG A 25' 
# 
loop_
_struct_site_gen.id 
_struct_site_gen.site_id 
_struct_site_gen.pdbx_num_res 
_struct_site_gen.label_comp_id 
_struct_site_gen.label_asym_id 
_struct_site_gen.label_seq_id 
_struct_site_gen.pdbx_auth_ins_code 
_struct_site_gen.auth_comp_id 
_struct_site_gen.auth_asym_id 
_struct_site_gen.auth_seq_id 
_struct_site_gen.label_atom_id 
_struct_site_gen.label_alt_id 
_struct_site_gen.symmetry 
_struct_site_gen.details 
1 AC1 6 HOH D . ? HOH A 273 . ? 1_555 ? 
2 AC1 6 HOH D . ? HOH A 274 . ? 1_555 ? 
3 AC1 6 HOH D . ? HOH A 275 . ? 1_555 ? 
4 AC1 6 HOH D . ? HOH A 276 . ? 1_555 ? 
5 AC1 6 HOH E . ? HOH B 272 . ? 1_555 ? 
6 AC1 6 HOH E . ? HOH B 277 . ? 1_555 ? 
# 
loop_
_pdbx_struct_mod_residue.id 
_pdbx_struct_mod_residue.label_asym_id 
_pdbx_struct_mod_residue.label_comp_id 
_pdbx_struct_mod_residue.label_seq_id 
_pdbx_struct_mod_residue.auth_asym_id 
_pdbx_struct_mod_residue.auth_comp_id 
_pdbx_struct_mod_residue.auth_seq_id 
_pdbx_struct_mod_residue.PDB_ins_code 
_pdbx_struct_mod_residue.parent_comp_id 
_pdbx_struct_mod_residue.details 
1 A TAF 7 A TAF 7  ? DT ? 
2 A TAF 8 A TAF 8  ? DT ? 
3 B TAF 7 B TAF 19 ? DT ? 
4 B TAF 8 B TAF 20 ? DT ? 
# 
loop_
_pdbx_unobs_or_zero_occ_residues.id 
_pdbx_unobs_or_zero_occ_residues.PDB_model_num 
_pdbx_unobs_or_zero_occ_residues.polymer_flag 
_pdbx_unobs_or_zero_occ_residues.occupancy_flag 
_pdbx_unobs_or_zero_occ_residues.auth_asym_id 
_pdbx_unobs_or_zero_occ_residues.auth_comp_id 
_pdbx_unobs_or_zero_occ_residues.auth_seq_id 
_pdbx_unobs_or_zero_occ_residues.PDB_ins_code 
_pdbx_unobs_or_zero_occ_residues.label_asym_id 
_pdbx_unobs_or_zero_occ_residues.label_comp_id 
_pdbx_unobs_or_zero_occ_residues.label_seq_id 
1  1 N 0 A HOH 189 ? D HOH ? 
2  1 N 0 A HOH 195 ? D HOH ? 
3  1 N 0 A HOH 209 ? D HOH ? 
4  1 N 0 A HOH 213 ? D HOH ? 
5  1 N 0 A HOH 245 ? D HOH ? 
6  1 N 0 A HOH 251 ? D HOH ? 
7  1 N 0 A HOH 257 ? D HOH ? 
8  1 N 0 A HOH 266 ? D HOH ? 
9  1 N 0 A HOH 269 ? D HOH ? 
10 1 N 0 A HOH 270 ? D HOH ? 
11 1 N 0 A HOH 271 ? D HOH ? 
12 1 N 0 B HOH 130 ? E HOH ? 
13 1 N 0 B HOH 144 ? E HOH ? 
14 1 N 0 B HOH 200 ? E HOH ? 
15 1 N 0 B HOH 222 ? E HOH ? 
16 1 N 0 B HOH 239 ? E HOH ? 
17 1 N 0 B HOH 264 ? E HOH ? 
18 1 N 0 B HOH 265 ? E HOH ? 
19 1 N 0 B HOH 267 ? E HOH ? 
20 1 N 0 B HOH 268 ? E HOH ? 
# 
loop_
_chem_comp_atom.comp_id 
_chem_comp_atom.atom_id 
_chem_comp_atom.type_symbol 
_chem_comp_atom.pdbx_aromatic_flag 
_chem_comp_atom.pdbx_stereo_config 
_chem_comp_atom.pdbx_ordinal 
DA  OP3    O  N N 1   
DA  P      P  N N 2   
DA  OP1    O  N N 3   
DA  OP2    O  N N 4   
DA  "O5'"  O  N N 5   
DA  "C5'"  C  N N 6   
DA  "C4'"  C  N R 7   
DA  "O4'"  O  N N 8   
DA  "C3'"  C  N S 9   
DA  "O3'"  O  N N 10  
DA  "C2'"  C  N N 11  
DA  "C1'"  C  N R 12  
DA  N9     N  Y N 13  
DA  C8     C  Y N 14  
DA  N7     N  Y N 15  
DA  C5     C  Y N 16  
DA  C6     C  Y N 17  
DA  N6     N  N N 18  
DA  N1     N  Y N 19  
DA  C2     C  Y N 20  
DA  N3     N  Y N 21  
DA  C4     C  Y N 22  
DA  HOP3   H  N N 23  
DA  HOP2   H  N N 24  
DA  "H5'"  H  N N 25  
DA  "H5''" H  N N 26  
DA  "H4'"  H  N N 27  
DA  "H3'"  H  N N 28  
DA  "HO3'" H  N N 29  
DA  "H2'"  H  N N 30  
DA  "H2''" H  N N 31  
DA  "H1'"  H  N N 32  
DA  H8     H  N N 33  
DA  H61    H  N N 34  
DA  H62    H  N N 35  
DA  H2     H  N N 36  
DC  OP3    O  N N 37  
DC  P      P  N N 38  
DC  OP1    O  N N 39  
DC  OP2    O  N N 40  
DC  "O5'"  O  N N 41  
DC  "C5'"  C  N N 42  
DC  "C4'"  C  N R 43  
DC  "O4'"  O  N N 44  
DC  "C3'"  C  N S 45  
DC  "O3'"  O  N N 46  
DC  "C2'"  C  N N 47  
DC  "C1'"  C  N R 48  
DC  N1     N  N N 49  
DC  C2     C  N N 50  
DC  O2     O  N N 51  
DC  N3     N  N N 52  
DC  C4     C  N N 53  
DC  N4     N  N N 54  
DC  C5     C  N N 55  
DC  C6     C  N N 56  
DC  HOP3   H  N N 57  
DC  HOP2   H  N N 58  
DC  "H5'"  H  N N 59  
DC  "H5''" H  N N 60  
DC  "H4'"  H  N N 61  
DC  "H3'"  H  N N 62  
DC  "HO3'" H  N N 63  
DC  "H2'"  H  N N 64  
DC  "H2''" H  N N 65  
DC  "H1'"  H  N N 66  
DC  H41    H  N N 67  
DC  H42    H  N N 68  
DC  H5     H  N N 69  
DC  H6     H  N N 70  
DG  OP3    O  N N 71  
DG  P      P  N N 72  
DG  OP1    O  N N 73  
DG  OP2    O  N N 74  
DG  "O5'"  O  N N 75  
DG  "C5'"  C  N N 76  
DG  "C4'"  C  N R 77  
DG  "O4'"  O  N N 78  
DG  "C3'"  C  N S 79  
DG  "O3'"  O  N N 80  
DG  "C2'"  C  N N 81  
DG  "C1'"  C  N R 82  
DG  N9     N  Y N 83  
DG  C8     C  Y N 84  
DG  N7     N  Y N 85  
DG  C5     C  Y N 86  
DG  C6     C  N N 87  
DG  O6     O  N N 88  
DG  N1     N  N N 89  
DG  C2     C  N N 90  
DG  N2     N  N N 91  
DG  N3     N  N N 92  
DG  C4     C  Y N 93  
DG  HOP3   H  N N 94  
DG  HOP2   H  N N 95  
DG  "H5'"  H  N N 96  
DG  "H5''" H  N N 97  
DG  "H4'"  H  N N 98  
DG  "H3'"  H  N N 99  
DG  "HO3'" H  N N 100 
DG  "H2'"  H  N N 101 
DG  "H2''" H  N N 102 
DG  "H1'"  H  N N 103 
DG  H8     H  N N 104 
DG  H1     H  N N 105 
DG  H21    H  N N 106 
DG  H22    H  N N 107 
HOH O      O  N N 108 
HOH H1     H  N N 109 
HOH H2     H  N N 110 
MG  MG     MG N N 111 
TAF P      P  N N 112 
TAF OP1    O  N N 113 
TAF OP2    O  N N 114 
TAF OP3    O  N N 115 
TAF "O5'"  O  N N 116 
TAF N1     N  N N 117 
TAF C6     C  N N 118 
TAF C2     C  N N 119 
TAF O2     O  N N 120 
TAF N3     N  N N 121 
TAF C4     C  N N 122 
TAF O4     O  N N 123 
TAF C5     C  N N 124 
TAF C5M    C  N N 125 
TAF "F2'"  F  N N 126 
TAF "C2'"  C  N S 127 
TAF "C5'"  C  N N 128 
TAF "C4'"  C  N R 129 
TAF "O4'"  O  N N 130 
TAF "C1'"  C  N R 131 
TAF "C3'"  C  N R 132 
TAF "O3'"  O  N N 133 
TAF HOP1   H  N N 134 
TAF HOP2   H  N N 135 
TAF H6     H  N N 136 
TAF H3     H  N N 137 
TAF H71    H  N N 138 
TAF H72    H  N N 139 
TAF H73    H  N N 140 
TAF "H2'"  H  N N 141 
TAF "H5'"  H  N N 142 
TAF "H5''" H  N N 143 
TAF "H4'"  H  N N 144 
TAF "H1'"  H  N N 145 
TAF "H3'"  H  N N 146 
TAF "HO'3" H  N N 147 
# 
loop_
_chem_comp_bond.comp_id 
_chem_comp_bond.atom_id_1 
_chem_comp_bond.atom_id_2 
_chem_comp_bond.value_order 
_chem_comp_bond.pdbx_aromatic_flag 
_chem_comp_bond.pdbx_stereo_config 
_chem_comp_bond.pdbx_ordinal 
DA  OP3   P      sing N N 1   
DA  OP3   HOP3   sing N N 2   
DA  P     OP1    doub N N 3   
DA  P     OP2    sing N N 4   
DA  P     "O5'"  sing N N 5   
DA  OP2   HOP2   sing N N 6   
DA  "O5'" "C5'"  sing N N 7   
DA  "C5'" "C4'"  sing N N 8   
DA  "C5'" "H5'"  sing N N 9   
DA  "C5'" "H5''" sing N N 10  
DA  "C4'" "O4'"  sing N N 11  
DA  "C4'" "C3'"  sing N N 12  
DA  "C4'" "H4'"  sing N N 13  
DA  "O4'" "C1'"  sing N N 14  
DA  "C3'" "O3'"  sing N N 15  
DA  "C3'" "C2'"  sing N N 16  
DA  "C3'" "H3'"  sing N N 17  
DA  "O3'" "HO3'" sing N N 18  
DA  "C2'" "C1'"  sing N N 19  
DA  "C2'" "H2'"  sing N N 20  
DA  "C2'" "H2''" sing N N 21  
DA  "C1'" N9     sing N N 22  
DA  "C1'" "H1'"  sing N N 23  
DA  N9    C8     sing Y N 24  
DA  N9    C4     sing Y N 25  
DA  C8    N7     doub Y N 26  
DA  C8    H8     sing N N 27  
DA  N7    C5     sing Y N 28  
DA  C5    C6     sing Y N 29  
DA  C5    C4     doub Y N 30  
DA  C6    N6     sing N N 31  
DA  C6    N1     doub Y N 32  
DA  N6    H61    sing N N 33  
DA  N6    H62    sing N N 34  
DA  N1    C2     sing Y N 35  
DA  C2    N3     doub Y N 36  
DA  C2    H2     sing N N 37  
DA  N3    C4     sing Y N 38  
DC  OP3   P      sing N N 39  
DC  OP3   HOP3   sing N N 40  
DC  P     OP1    doub N N 41  
DC  P     OP2    sing N N 42  
DC  P     "O5'"  sing N N 43  
DC  OP2   HOP2   sing N N 44  
DC  "O5'" "C5'"  sing N N 45  
DC  "C5'" "C4'"  sing N N 46  
DC  "C5'" "H5'"  sing N N 47  
DC  "C5'" "H5''" sing N N 48  
DC  "C4'" "O4'"  sing N N 49  
DC  "C4'" "C3'"  sing N N 50  
DC  "C4'" "H4'"  sing N N 51  
DC  "O4'" "C1'"  sing N N 52  
DC  "C3'" "O3'"  sing N N 53  
DC  "C3'" "C2'"  sing N N 54  
DC  "C3'" "H3'"  sing N N 55  
DC  "O3'" "HO3'" sing N N 56  
DC  "C2'" "C1'"  sing N N 57  
DC  "C2'" "H2'"  sing N N 58  
DC  "C2'" "H2''" sing N N 59  
DC  "C1'" N1     sing N N 60  
DC  "C1'" "H1'"  sing N N 61  
DC  N1    C2     sing N N 62  
DC  N1    C6     sing N N 63  
DC  C2    O2     doub N N 64  
DC  C2    N3     sing N N 65  
DC  N3    C4     doub N N 66  
DC  C4    N4     sing N N 67  
DC  C4    C5     sing N N 68  
DC  N4    H41    sing N N 69  
DC  N4    H42    sing N N 70  
DC  C5    C6     doub N N 71  
DC  C5    H5     sing N N 72  
DC  C6    H6     sing N N 73  
DG  OP3   P      sing N N 74  
DG  OP3   HOP3   sing N N 75  
DG  P     OP1    doub N N 76  
DG  P     OP2    sing N N 77  
DG  P     "O5'"  sing N N 78  
DG  OP2   HOP2   sing N N 79  
DG  "O5'" "C5'"  sing N N 80  
DG  "C5'" "C4'"  sing N N 81  
DG  "C5'" "H5'"  sing N N 82  
DG  "C5'" "H5''" sing N N 83  
DG  "C4'" "O4'"  sing N N 84  
DG  "C4'" "C3'"  sing N N 85  
DG  "C4'" "H4'"  sing N N 86  
DG  "O4'" "C1'"  sing N N 87  
DG  "C3'" "O3'"  sing N N 88  
DG  "C3'" "C2'"  sing N N 89  
DG  "C3'" "H3'"  sing N N 90  
DG  "O3'" "HO3'" sing N N 91  
DG  "C2'" "C1'"  sing N N 92  
DG  "C2'" "H2'"  sing N N 93  
DG  "C2'" "H2''" sing N N 94  
DG  "C1'" N9     sing N N 95  
DG  "C1'" "H1'"  sing N N 96  
DG  N9    C8     sing Y N 97  
DG  N9    C4     sing Y N 98  
DG  C8    N7     doub Y N 99  
DG  C8    H8     sing N N 100 
DG  N7    C5     sing Y N 101 
DG  C5    C6     sing N N 102 
DG  C5    C4     doub Y N 103 
DG  C6    O6     doub N N 104 
DG  C6    N1     sing N N 105 
DG  N1    C2     sing N N 106 
DG  N1    H1     sing N N 107 
DG  C2    N2     sing N N 108 
DG  C2    N3     doub N N 109 
DG  N2    H21    sing N N 110 
DG  N2    H22    sing N N 111 
DG  N3    C4     sing N N 112 
HOH O     H1     sing N N 113 
HOH O     H2     sing N N 114 
TAF P     OP1    sing N N 115 
TAF P     OP2    sing N N 116 
TAF P     OP3    doub N N 117 
TAF P     "O5'"  sing N N 118 
TAF OP1   HOP1   sing N N 119 
TAF OP2   HOP2   sing N N 120 
TAF "O5'" "C5'"  sing N N 121 
TAF N1    C6     sing N N 122 
TAF N1    C2     sing N N 123 
TAF N1    "C1'"  sing N N 124 
TAF C6    C5     doub N N 125 
TAF C6    H6     sing N N 126 
TAF C2    O2     doub N N 127 
TAF C2    N3     sing N N 128 
TAF N3    C4     sing N N 129 
TAF N3    H3     sing N N 130 
TAF C4    O4     doub N N 131 
TAF C4    C5     sing N N 132 
TAF C5    C5M    sing N N 133 
TAF C5M   H71    sing N N 134 
TAF C5M   H72    sing N N 135 
TAF C5M   H73    sing N N 136 
TAF "F2'" "C2'"  sing N N 137 
TAF "C2'" "C1'"  sing N N 138 
TAF "C2'" "C3'"  sing N N 139 
TAF "C2'" "H2'"  sing N N 140 
TAF "C5'" "C4'"  sing N N 141 
TAF "C5'" "H5'"  sing N N 142 
TAF "C5'" "H5''" sing N N 143 
TAF "C4'" "O4'"  sing N N 144 
TAF "C4'" "C3'"  sing N N 145 
TAF "C4'" "H4'"  sing N N 146 
TAF "O4'" "C1'"  sing N N 147 
TAF "C1'" "H1'"  sing N N 148 
TAF "C3'" "O3'"  sing N N 149 
TAF "C3'" "H3'"  sing N N 150 
TAF "O3'" "HO'3" sing N N 151 
# 
loop_
_ndb_struct_conf_na.entry_id 
_ndb_struct_conf_na.feature 
388D 'double helix'        
388D 'b-form double helix' 
# 
loop_
_ndb_struct_na_base_pair.model_number 
_ndb_struct_na_base_pair.i_label_asym_id 
_ndb_struct_na_base_pair.i_label_comp_id 
_ndb_struct_na_base_pair.i_label_seq_id 
_ndb_struct_na_base_pair.i_symmetry 
_ndb_struct_na_base_pair.j_label_asym_id 
_ndb_struct_na_base_pair.j_label_comp_id 
_ndb_struct_na_base_pair.j_label_seq_id 
_ndb_struct_na_base_pair.j_symmetry 
_ndb_struct_na_base_pair.shear 
_ndb_struct_na_base_pair.stretch 
_ndb_struct_na_base_pair.stagger 
_ndb_struct_na_base_pair.buckle 
_ndb_struct_na_base_pair.propeller 
_ndb_struct_na_base_pair.opening 
_ndb_struct_na_base_pair.pair_number 
_ndb_struct_na_base_pair.pair_name 
_ndb_struct_na_base_pair.i_auth_asym_id 
_ndb_struct_na_base_pair.i_auth_seq_id 
_ndb_struct_na_base_pair.i_PDB_ins_code 
_ndb_struct_na_base_pair.j_auth_asym_id 
_ndb_struct_na_base_pair.j_auth_seq_id 
_ndb_struct_na_base_pair.j_PDB_ins_code 
_ndb_struct_na_base_pair.hbond_type_28 
_ndb_struct_na_base_pair.hbond_type_12 
1 A DC  1  1_555 B DG  12 1_555 0.124  -0.188 0.234  5.174   -14.122 -0.877 1  A_DC1:DG24_B  A 1  ? B 24 ? 19 1 
1 A DG  2  1_555 B DC  11 1_555 -0.368 -0.316 0.496  7.639   -11.003 -0.725 2  A_DG2:DC23_B  A 2  ? B 23 ? 19 1 
1 A DC  3  1_555 B DG  10 1_555 0.055  -0.209 0.455  -4.820  -5.824  0.858  3  A_DC3:DG22_B  A 3  ? B 22 ? 19 1 
1 A DG  4  1_555 B DC  9  1_555 -0.366 -0.245 -0.063 9.685   -7.843  -0.588 4  A_DG4:DC21_B  A 4  ? B 21 ? 19 1 
1 A DA  5  1_555 B TAF 8  1_555 0.224  -0.170 -0.044 4.848   -16.394 1.266  5  A_DA5:TAF20_B A 5  ? B 20 ? 20 1 
1 A DA  6  1_555 B TAF 7  1_555 -0.061 -0.058 0.000  -2.050  -15.156 3.010  6  A_DA6:TAF19_B A 6  ? B 19 ? 20 1 
1 A TAF 7  1_555 B DA  6  1_555 0.024  -0.074 0.193  -4.730  -19.202 1.994  7  A_TAF7:DA18_B A 7  ? B 18 ? 20 1 
1 A TAF 8  1_555 B DA  5  1_555 -0.167 -0.202 -0.115 -0.534  -18.553 5.076  8  A_TAF8:DA17_B A 8  ? B 17 ? 20 1 
1 A DC  9  1_555 B DG  4  1_555 0.221  -0.160 -0.037 -13.381 -7.714  -1.757 9  A_DC9:DG16_B  A 9  ? B 16 ? 19 1 
1 A DG  10 1_555 B DC  3  1_555 -0.075 -0.195 0.425  9.243   -3.858  1.126  10 A_DG10:DC15_B A 10 ? B 15 ? 19 1 
1 A DC  11 1_555 B DG  2  1_555 0.135  -0.321 0.335  9.620   -15.831 -1.393 11 A_DC11:DG14_B A 11 ? B 14 ? 19 1 
1 A DG  12 1_555 B DC  1  1_555 -0.672 -0.371 -0.519 2.921   24.497  -4.631 12 A_DG12:DC13_B A 12 ? B 13 ? 19 1 
# 
loop_
_ndb_struct_na_base_pair_step.model_number 
_ndb_struct_na_base_pair_step.i_label_asym_id_1 
_ndb_struct_na_base_pair_step.i_label_comp_id_1 
_ndb_struct_na_base_pair_step.i_label_seq_id_1 
_ndb_struct_na_base_pair_step.i_symmetry_1 
_ndb_struct_na_base_pair_step.j_label_asym_id_1 
_ndb_struct_na_base_pair_step.j_label_comp_id_1 
_ndb_struct_na_base_pair_step.j_label_seq_id_1 
_ndb_struct_na_base_pair_step.j_symmetry_1 
_ndb_struct_na_base_pair_step.i_label_asym_id_2 
_ndb_struct_na_base_pair_step.i_label_comp_id_2 
_ndb_struct_na_base_pair_step.i_label_seq_id_2 
_ndb_struct_na_base_pair_step.i_symmetry_2 
_ndb_struct_na_base_pair_step.j_label_asym_id_2 
_ndb_struct_na_base_pair_step.j_label_comp_id_2 
_ndb_struct_na_base_pair_step.j_label_seq_id_2 
_ndb_struct_na_base_pair_step.j_symmetry_2 
_ndb_struct_na_base_pair_step.shift 
_ndb_struct_na_base_pair_step.slide 
_ndb_struct_na_base_pair_step.rise 
_ndb_struct_na_base_pair_step.tilt 
_ndb_struct_na_base_pair_step.roll 
_ndb_struct_na_base_pair_step.twist 
_ndb_struct_na_base_pair_step.x_displacement 
_ndb_struct_na_base_pair_step.y_displacement 
_ndb_struct_na_base_pair_step.helical_rise 
_ndb_struct_na_base_pair_step.inclination 
_ndb_struct_na_base_pair_step.tip 
_ndb_struct_na_base_pair_step.helical_twist 
_ndb_struct_na_base_pair_step.step_number 
_ndb_struct_na_base_pair_step.step_name 
_ndb_struct_na_base_pair_step.i_auth_asym_id_1 
_ndb_struct_na_base_pair_step.i_auth_seq_id_1 
_ndb_struct_na_base_pair_step.i_PDB_ins_code_1 
_ndb_struct_na_base_pair_step.j_auth_asym_id_1 
_ndb_struct_na_base_pair_step.j_auth_seq_id_1 
_ndb_struct_na_base_pair_step.j_PDB_ins_code_1 
_ndb_struct_na_base_pair_step.i_auth_asym_id_2 
_ndb_struct_na_base_pair_step.i_auth_seq_id_2 
_ndb_struct_na_base_pair_step.i_PDB_ins_code_2 
_ndb_struct_na_base_pair_step.j_auth_asym_id_2 
_ndb_struct_na_base_pair_step.j_auth_seq_id_2 
_ndb_struct_na_base_pair_step.j_PDB_ins_code_2 
1 A DC  1  1_555 B DG  12 1_555 A DG  2  1_555 B DC  11 1_555 -0.152 0.061  3.196 -2.760 3.354   34.258 -0.406 -0.163 3.189 5.665 
4.662   34.524 1  AA_DC1DG2:DC23DG24_BB   A 1  ? B 24 ? A 2  ? B 23 ? 
1 A DG  2  1_555 B DC  11 1_555 A DC  3  1_555 B DG  10 1_555 0.524  0.325  3.734 0.455  -6.870  41.942 1.239  -0.671 3.644 -9.520 
-0.631  42.478 2  AA_DG2DC3:DG22DC23_BB   A 2  ? B 23 ? A 3  ? B 22 ? 
1 A DC  3  1_555 B DG  10 1_555 A DG  4  1_555 B DC  9  1_555 -0.351 0.540  3.000 4.965  10.426  26.999 -1.048 1.700  2.897 21.145 
-10.070 29.322 3  AA_DC3DG4:DC21DG22_BB   A 3  ? B 22 ? A 4  ? B 21 ? 
1 A DG  4  1_555 B DC  9  1_555 A DA  5  1_555 B TAF 8  1_555 -0.008 -0.046 3.388 0.130  2.922   41.764 -0.381 0.026  3.378 4.092 
-0.182  41.861 4  AA_DG4DA5:TAF20DC21_BB  A 4  ? B 21 ? A 5  ? B 20 ? 
1 A DA  5  1_555 B TAF 8  1_555 A DA  6  1_555 B TAF 7  1_555 0.087  -0.521 3.321 -1.053 2.113   31.912 -1.331 -0.351 3.276 3.837 
1.912   31.997 5  AA_DA5DA6:TAF19TAF20_BB A 5  ? B 20 ? A 6  ? B 19 ? 
1 A DA  6  1_555 B TAF 7  1_555 A TAF 7  1_555 B DA  6  1_555 -0.181 -0.663 3.243 -2.062 -1.575  31.102 -0.934 -0.055 3.276 -2.931 
3.837   31.207 6  AA_DA6TAF7:DA18TAF19_BB A 6  ? B 19 ? A 7  ? B 18 ? 
1 A TAF 7  1_555 B DA  6  1_555 A TAF 8  1_555 B DA  5  1_555 0.073  -0.342 3.086 4.382  -2.747  33.959 -0.171 0.528  3.089 -4.670 
-7.448  34.340 7  AA_TAF7TAF8:DA17DA18_BB A 7  ? B 18 ? A 8  ? B 17 ? 
1 A TAF 8  1_555 B DA  5  1_555 A DC  9  1_555 B DG  4  1_555 -0.267 -0.173 3.523 -0.128 0.242   43.108 -0.261 0.350  3.522 0.329 
0.175   43.109 8  AA_TAF8DC9:DG16DA17_BB  A 8  ? B 17 ? A 9  ? B 16 ? 
1 A DC  9  1_555 B DG  4  1_555 A DG  10 1_555 B DC  3  1_555 0.686  0.764  2.944 -5.370 1.743   28.115 1.194  -2.462 2.808 3.544 
10.915  28.666 9  AA_DC9DG10:DC15DG16_BB  A 9  ? B 16 ? A 10 ? B 15 ? 
1 A DG  10 1_555 B DC  3  1_555 A DC  11 1_555 B DG  2  1_555 -1.102 0.447  3.368 -2.528 -11.306 42.297 1.704  1.230  3.209 
-15.327 3.427   43.785 10 AA_DG10DC11:DG14DC15_BB A 10 ? B 15 ? A 11 ? B 14 ? 
1 A DC  11 1_555 B DG  2  1_555 A DG  12 1_555 B DC  1  1_555 1.002  0.484  3.869 7.650  -12.484 31.973 3.040  -0.291 3.580 
-21.322 -13.066 35.086 11 AA_DC11DG12:DC13DG14_BB A 11 ? B 14 ? A 12 ? B 13 ? 
# 
_atom_sites.entry_id                    388D 
_atom_sites.fract_transf_matrix[1][1]   0.00886466 
_atom_sites.fract_transf_matrix[1][2]   0.03246010 
_atom_sites.fract_transf_matrix[1][3]   -0.02183420 
_atom_sites.fract_transf_matrix[2][1]   -0.02416221 
_atom_sites.fract_transf_matrix[2][2]   0.00683566 
_atom_sites.fract_transf_matrix[2][3]   0.00035250 
_atom_sites.fract_transf_matrix[3][1]   0.00243098 
_atom_sites.fract_transf_matrix[3][2]   0.00793373 
_atom_sites.fract_transf_matrix[3][3]   0.01278176 
_atom_sites.fract_transf_vector[1]      0.075318 
_atom_sites.fract_transf_vector[2]      -0.025310 
_atom_sites.fract_transf_vector[3]      -0.138733 
# 
loop_
_atom_type.symbol 
C  
F  
MG 
N  
O  
P  
# 
loop_
_atom_site.group_PDB 
_atom_site.id 
_atom_site.type_symbol 
_atom_site.label_atom_id 
_atom_site.label_alt_id 
_atom_site.label_comp_id 
_atom_site.label_asym_id 
_atom_site.label_entity_id 
_atom_site.label_seq_id 
_atom_site.pdbx_PDB_ins_code 
_atom_site.Cartn_x 
_atom_site.Cartn_y 
_atom_site.Cartn_z 
_atom_site.occupancy 
_atom_site.B_iso_or_equiv 
_atom_site.pdbx_formal_charge 
_atom_site.auth_seq_id 
_atom_site.auth_comp_id 
_atom_site.auth_asym_id 
_atom_site.auth_atom_id 
_atom_site.pdbx_PDB_model_num 
ATOM   1   O  "O5'" . DC  A 1 1  ? 11.628  -6.604  -15.582 1.00 20.64 ? 1   DC  A "O5'" 1 
ATOM   2   C  "C5'" . DC  A 1 1  ? 10.326  -7.113  -15.416 1.00 19.75 ? 1   DC  A "C5'" 1 
ATOM   3   C  "C4'" . DC  A 1 1  ? 9.386   -6.016  -15.855 1.00 20.51 ? 1   DC  A "C4'" 1 
ATOM   4   O  "O4'" . DC  A 1 1  ? 8.045   -6.527  -15.963 1.00 20.70 ? 1   DC  A "O4'" 1 
ATOM   5   C  "C3'" . DC  A 1 1  ? 9.303   -4.816  -14.917 1.00 19.76 ? 1   DC  A "C3'" 1 
ATOM   6   O  "O3'" . DC  A 1 1  ? 9.115   -3.669  -15.769 1.00 21.52 ? 1   DC  A "O3'" 1 
ATOM   7   C  "C2'" . DC  A 1 1  ? 8.060   -5.116  -14.089 1.00 18.46 ? 1   DC  A "C2'" 1 
ATOM   8   C  "C1'" . DC  A 1 1  ? 7.169   -5.828  -15.100 1.00 17.39 ? 1   DC  A "C1'" 1 
ATOM   9   N  N1    . DC  A 1 1  ? 6.171   -6.804  -14.661 1.00 14.60 ? 1   DC  A N1    1 
ATOM   10  C  C2    . DC  A 1 1  ? 4.874   -6.754  -15.239 1.00 13.04 ? 1   DC  A C2    1 
ATOM   11  O  O2    . DC  A 1 1  ? 4.600   -5.833  -16.040 1.00 17.30 ? 1   DC  A O2    1 
ATOM   12  N  N3    . DC  A 1 1  ? 3.975   -7.700  -14.912 1.00 13.18 ? 1   DC  A N3    1 
ATOM   13  C  C4    . DC  A 1 1  ? 4.307   -8.657  -14.035 1.00 13.41 ? 1   DC  A C4    1 
ATOM   14  N  N4    . DC  A 1 1  ? 3.388   -9.571  -13.737 1.00 11.25 ? 1   DC  A N4    1 
ATOM   15  C  C5    . DC  A 1 1  ? 5.601   -8.714  -13.422 1.00 14.85 ? 1   DC  A C5    1 
ATOM   16  C  C6    . DC  A 1 1  ? 6.487   -7.774  -13.752 1.00 10.65 ? 1   DC  A C6    1 
ATOM   17  P  P     . DG  A 1 2  ? 9.081   -2.183  -15.155 1.00 25.87 ? 2   DG  A P     1 
ATOM   18  O  OP1   . DG  A 1 2  ? 9.723   -1.238  -16.102 1.00 26.44 ? 2   DG  A OP1   1 
ATOM   19  O  OP2   . DG  A 1 2  ? 9.512   -2.211  -13.746 1.00 23.73 ? 2   DG  A OP2   1 
ATOM   20  O  "O5'" . DG  A 1 2  ? 7.525   -1.864  -15.141 1.00 27.97 ? 2   DG  A "O5'" 1 
ATOM   21  C  "C5'" . DG  A 1 2  ? 6.824   -1.433  -16.313 1.00 21.11 ? 2   DG  A "C5'" 1 
ATOM   22  C  "C4'" . DG  A 1 2  ? 5.478   -0.892  -15.902 1.00 18.04 ? 2   DG  A "C4'" 1 
ATOM   23  O  "O4'" . DG  A 1 2  ? 4.630   -1.974  -15.454 1.00 20.04 ? 2   DG  A "O4'" 1 
ATOM   24  C  "C3'" . DG  A 1 2  ? 5.534   0.108   -14.747 1.00 19.03 ? 2   DG  A "C3'" 1 
ATOM   25  O  "O3'" . DG  A 1 2  ? 4.635   1.162   -15.089 1.00 22.72 ? 2   DG  A "O3'" 1 
ATOM   26  C  "C2'" . DG  A 1 2  ? 5.080   -0.703  -13.537 1.00 16.26 ? 2   DG  A "C2'" 1 
ATOM   27  C  "C1'" . DG  A 1 2  ? 4.127   -1.717  -14.155 1.00 14.78 ? 2   DG  A "C1'" 1 
ATOM   28  N  N9    . DG  A 1 2  ? 3.960   -2.998  -13.481 1.00 13.99 ? 2   DG  A N9    1 
ATOM   29  C  C8    . DG  A 1 2  ? 4.876   -3.667  -12.702 1.00 10.45 ? 2   DG  A C8    1 
ATOM   30  N  N7    . DG  A 1 2  ? 4.428   -4.803  -12.237 1.00 13.98 ? 2   DG  A N7    1 
ATOM   31  C  C5    . DG  A 1 2  ? 3.132   -4.898  -12.733 1.00 14.11 ? 2   DG  A C5    1 
ATOM   32  C  C6    . DG  A 1 2  ? 2.146   -5.914  -12.548 1.00 12.08 ? 2   DG  A C6    1 
ATOM   33  O  O6    . DG  A 1 2  ? 2.229   -6.955  -11.902 1.00 14.72 ? 2   DG  A O6    1 
ATOM   34  N  N1    . DG  A 1 2  ? 0.962   -5.610  -13.215 1.00 10.79 ? 2   DG  A N1    1 
ATOM   35  C  C2    . DG  A 1 2  ? 0.747   -4.476  -13.955 1.00 10.53 ? 2   DG  A C2    1 
ATOM   36  N  N2    . DG  A 1 2  ? -0.477  -4.353  -14.496 1.00 15.05 ? 2   DG  A N2    1 
ATOM   37  N  N3    . DG  A 1 2  ? 1.662   -3.523  -14.146 1.00 15.34 ? 2   DG  A N3    1 
ATOM   38  C  C4    . DG  A 1 2  ? 2.824   -3.801  -13.502 1.00 15.51 ? 2   DG  A C4    1 
ATOM   39  P  P     . DC  A 1 3  ? 4.465   2.441   -14.133 1.00 19.45 ? 3   DC  A P     1 
ATOM   40  O  OP1   . DC  A 1 3  ? 4.735   3.598   -14.977 1.00 17.57 ? 3   DC  A OP1   1 
ATOM   41  O  OP2   . DC  A 1 3  ? 5.121   2.294   -12.807 1.00 24.30 ? 3   DC  A OP2   1 
ATOM   42  O  "O5'" . DC  A 1 3  ? 2.911   2.418   -13.785 1.00 21.43 ? 3   DC  A "O5'" 1 
ATOM   43  C  "C5'" . DC  A 1 3  ? 1.912   2.436   -14.805 1.00 18.13 ? 3   DC  A "C5'" 1 
ATOM   44  C  "C4'" . DC  A 1 3  ? 0.681   1.718   -14.309 1.00 18.09 ? 3   DC  A "C4'" 1 
ATOM   45  O  "O4'" . DC  A 1 3  ? 1.048   0.389   -13.911 1.00 17.97 ? 3   DC  A "O4'" 1 
ATOM   46  C  "C3'" . DC  A 1 3  ? 0.018   2.284   -13.062 1.00 19.08 ? 3   DC  A "C3'" 1 
ATOM   47  O  "O3'" . DC  A 1 3  ? -0.899  3.308   -13.408 1.00 28.16 ? 3   DC  A "O3'" 1 
ATOM   48  C  "C2'" . DC  A 1 3  ? -0.735  1.092   -12.503 1.00 17.32 ? 3   DC  A "C2'" 1 
ATOM   49  C  "C1'" . DC  A 1 3  ? 0.100   -0.090  -12.965 1.00 17.57 ? 3   DC  A "C1'" 1 
ATOM   50  N  N1    . DC  A 1 3  ? 0.822   -0.890  -11.978 1.00 14.90 ? 3   DC  A N1    1 
ATOM   51  C  C2    . DC  A 1 3  ? 0.203   -2.031  -11.461 1.00 14.11 ? 3   DC  A C2    1 
ATOM   52  O  O2    . DC  A 1 3  ? -0.952  -2.296  -11.819 1.00 16.81 ? 3   DC  A O2    1 
ATOM   53  N  N3    . DC  A 1 3  ? 0.880   -2.815  -10.589 1.00 18.40 ? 3   DC  A N3    1 
ATOM   54  C  C4    . DC  A 1 3  ? 2.135   -2.498  -10.236 1.00 14.85 ? 3   DC  A C4    1 
ATOM   55  N  N4    . DC  A 1 3  ? 2.778   -3.333  -9.411  1.00 13.69 ? 3   DC  A N4    1 
ATOM   56  C  C5    . DC  A 1 3  ? 2.783   -1.319  -10.730 1.00 14.67 ? 3   DC  A C5    1 
ATOM   57  C  C6    . DC  A 1 3  ? 2.094   -0.552  -11.589 1.00 18.20 ? 3   DC  A C6    1 
ATOM   58  P  P     . DG  A 1 4  ? -1.362  4.361   -12.287 1.00 28.50 ? 4   DG  A P     1 
ATOM   59  O  OP1   . DG  A 1 4  ? -1.730  5.623   -12.932 1.00 36.76 ? 4   DG  A OP1   1 
ATOM   60  O  OP2   . DG  A 1 4  ? -0.425  4.356   -11.142 1.00 28.35 ? 4   DG  A OP2   1 
ATOM   61  O  "O5'" . DG  A 1 4  ? -2.685  3.718   -11.697 1.00 26.56 ? 4   DG  A "O5'" 1 
ATOM   62  C  "C5'" . DG  A 1 4  ? -3.661  3.095   -12.520 1.00 20.58 ? 4   DG  A "C5'" 1 
ATOM   63  C  "C4'" . DG  A 1 4  ? -4.615  2.348   -11.625 1.00 19.93 ? 4   DG  A "C4'" 1 
ATOM   64  O  "O4'" . DG  A 1 4  ? -3.956  1.172   -11.106 1.00 21.47 ? 4   DG  A "O4'" 1 
ATOM   65  C  "C3'" . DG  A 1 4  ? -5.051  3.162   -10.402 1.00 23.88 ? 4   DG  A "C3'" 1 
ATOM   66  O  "O3'" . DG  A 1 4  ? -6.398  2.784   -10.127 1.00 27.31 ? 4   DG  A "O3'" 1 
ATOM   67  C  "C2'" . DG  A 1 4  ? -4.129  2.669   -9.300  1.00 18.95 ? 4   DG  A "C2'" 1 
ATOM   68  C  "C1'" . DG  A 1 4  ? -3.922  1.216   -9.686  1.00 20.23 ? 4   DG  A "C1'" 1 
ATOM   69  N  N9    . DG  A 1 4  ? -2.629  0.705   -9.243  1.00 17.35 ? 4   DG  A N9    1 
ATOM   70  C  C8    . DG  A 1 4  ? -1.437  1.384   -9.206  1.00 18.08 ? 4   DG  A C8    1 
ATOM   71  N  N7    . DG  A 1 4  ? -0.459  0.667   -8.731  1.00 16.36 ? 4   DG  A N7    1 
ATOM   72  C  C5    . DG  A 1 4  ? -1.039  -0.553  -8.438  1.00 15.32 ? 4   DG  A C5    1 
ATOM   73  C  C6    . DG  A 1 4  ? -0.476  -1.730  -7.867  1.00 16.65 ? 4   DG  A C6    1 
ATOM   74  O  O6    . DG  A 1 4  ? 0.684   -1.933  -7.499  1.00 19.57 ? 4   DG  A O6    1 
ATOM   75  N  N1    . DG  A 1 4  ? -1.424  -2.730  -7.730  1.00 17.53 ? 4   DG  A N1    1 
ATOM   76  C  C2    . DG  A 1 4  ? -2.742  -2.616  -8.081  1.00 14.29 ? 4   DG  A C2    1 
ATOM   77  N  N2    . DG  A 1 4  ? -3.479  -3.687  -7.835  1.00 16.39 ? 4   DG  A N2    1 
ATOM   78  N  N3    . DG  A 1 4  ? -3.279  -1.532  -8.614  1.00 14.76 ? 4   DG  A N3    1 
ATOM   79  C  C4    . DG  A 1 4  ? -2.381  -0.549  -8.759  1.00 15.97 ? 4   DG  A C4    1 
ATOM   80  P  P     . DA  A 1 5  ? -7.209  3.422   -8.896  1.00 27.52 ? 5   DA  A P     1 
ATOM   81  O  OP1   . DA  A 1 5  ? -8.523  3.851   -9.443  1.00 32.71 ? 5   DA  A OP1   1 
ATOM   82  O  OP2   . DA  A 1 5  ? -6.387  4.381   -8.097  1.00 31.31 ? 5   DA  A OP2   1 
ATOM   83  O  "O5'" . DA  A 1 5  ? -7.498  2.149   -7.996  1.00 23.49 ? 5   DA  A "O5'" 1 
ATOM   84  C  "C5'" . DA  A 1 5  ? -7.926  0.928   -8.595  1.00 18.96 ? 5   DA  A "C5'" 1 
ATOM   85  C  "C4'" . DA  A 1 5  ? -8.041  -0.138  -7.541  1.00 19.03 ? 5   DA  A "C4'" 1 
ATOM   86  O  "O4'" . DA  A 1 5  ? -6.724  -0.609  -7.210  1.00 19.70 ? 5   DA  A "O4'" 1 
ATOM   87  C  "C3'" . DA  A 1 5  ? -8.703  0.272   -6.227  1.00 16.14 ? 5   DA  A "C3'" 1 
ATOM   88  O  "O3'" . DA  A 1 5  ? -9.537  -0.834  -5.907  1.00 17.26 ? 5   DA  A "O3'" 1 
ATOM   89  C  "C2'" . DA  A 1 5  ? -7.526  0.433   -5.273  1.00 18.46 ? 5   DA  A "C2'" 1 
ATOM   90  C  "C1'" . DA  A 1 5  ? -6.492  -0.555  -5.824  1.00 16.78 ? 5   DA  A "C1'" 1 
ATOM   91  N  N9    . DA  A 1 5  ? -5.106  -0.139  -5.672  1.00 14.53 ? 5   DA  A N9    1 
ATOM   92  C  C8    . DA  A 1 5  ? -4.622  1.096   -5.998  1.00 12.68 ? 5   DA  A C8    1 
ATOM   93  N  N7    . DA  A 1 5  ? -3.335  1.227   -5.809  1.00 16.29 ? 5   DA  A N7    1 
ATOM   94  C  C5    . DA  A 1 5  ? -2.936  -0.006  -5.309  1.00 16.98 ? 5   DA  A C5    1 
ATOM   95  C  C6    . DA  A 1 5  ? -1.671  -0.514  -4.895  1.00 12.99 ? 5   DA  A C6    1 
ATOM   96  N  N6    . DA  A 1 5  ? -0.536  0.189   -4.914  1.00 13.71 ? 5   DA  A N6    1 
ATOM   97  N  N1    . DA  A 1 5  ? -1.622  -1.790  -4.458  1.00 13.95 ? 5   DA  A N1    1 
ATOM   98  C  C2    . DA  A 1 5  ? -2.760  -2.509  -4.438  1.00 14.23 ? 5   DA  A C2    1 
ATOM   99  N  N3    . DA  A 1 5  ? -4.004  -2.143  -4.795  1.00 14.61 ? 5   DA  A N3    1 
ATOM   100 C  C4    . DA  A 1 5  ? -4.022  -0.867  -5.222  1.00 14.41 ? 5   DA  A C4    1 
ATOM   101 P  P     . DA  A 1 6  ? -10.314 -0.897  -4.517  1.00 17.34 ? 6   DA  A P     1 
ATOM   102 O  OP1   . DA  A 1 6  ? -11.388 -1.879  -4.658  1.00 16.45 ? 6   DA  A OP1   1 
ATOM   103 O  OP2   . DA  A 1 6  ? -10.609 0.490   -4.125  1.00 17.80 ? 6   DA  A OP2   1 
ATOM   104 O  "O5'" . DA  A 1 6  ? -9.255  -1.575  -3.544  1.00 16.38 ? 6   DA  A "O5'" 1 
ATOM   105 C  "C5'" . DA  A 1 6  ? -8.939  -2.964  -3.684  1.00 13.42 ? 6   DA  A "C5'" 1 
ATOM   106 C  "C4'" . DA  A 1 6  ? -8.033  -3.398  -2.564  1.00 16.34 ? 6   DA  A "C4'" 1 
ATOM   107 O  "O4'" . DA  A 1 6  ? -6.707  -2.831  -2.676  1.00 17.27 ? 6   DA  A "O4'" 1 
ATOM   108 C  "C3'" . DA  A 1 6  ? -8.547  -3.069  -1.167  1.00 12.54 ? 6   DA  A "C3'" 1 
ATOM   109 O  "O3'" . DA  A 1 6  ? -8.624  -4.328  -0.520  1.00 13.79 ? 6   DA  A "O3'" 1 
ATOM   110 C  "C2'" . DA  A 1 6  ? -7.535  -2.060  -0.621  1.00 15.05 ? 6   DA  A "C2'" 1 
ATOM   111 C  "C1'" . DA  A 1 6  ? -6.270  -2.352  -1.418  1.00 14.24 ? 6   DA  A "C1'" 1 
ATOM   112 N  N9    . DA  A 1 6  ? -5.380  -1.221  -1.676  1.00 15.07 ? 6   DA  A N9    1 
ATOM   113 C  C8    . DA  A 1 6  ? -5.654  0.025   -2.204  1.00 13.84 ? 6   DA  A C8    1 
ATOM   114 N  N7    . DA  A 1 6  ? -4.595  0.785   -2.334  1.00 14.31 ? 6   DA  A N7    1 
ATOM   115 C  C5    . DA  A 1 6  ? -3.550  -0.004  -1.844  1.00 13.07 ? 6   DA  A C5    1 
ATOM   116 C  C6    . DA  A 1 6  ? -2.155  0.230   -1.699  1.00 10.72 ? 6   DA  A C6    1 
ATOM   117 N  N6    . DA  A 1 6  ? -1.561  1.352   -2.049  1.00 9.86  ? 6   DA  A N6    1 
ATOM   118 N  N1    . DA  A 1 6  ? -1.393  -0.764  -1.172  1.00 12.26 ? 6   DA  A N1    1 
ATOM   119 C  C2    . DA  A 1 6  ? -1.991  -1.907  -0.825  1.00 12.78 ? 6   DA  A C2    1 
ATOM   120 N  N3    . DA  A 1 6  ? -3.290  -2.245  -0.916  1.00 15.70 ? 6   DA  A N3    1 
ATOM   121 C  C4    . DA  A 1 6  ? -4.021  -1.233  -1.439  1.00 14.24 ? 6   DA  A C4    1 
HETATM 122 P  P     . TAF A 1 7  ? -9.160  -4.447  0.999   1.00 15.79 ? 7   TAF A P     1 
HETATM 123 O  OP1   . TAF A 1 7  ? -9.769  -5.771  1.173   1.00 13.32 ? 7   TAF A OP1   1 
HETATM 124 O  OP2   . TAF A 1 7  ? -9.842  -3.225  1.476   1.00 17.63 ? 7   TAF A OP2   1 
HETATM 125 O  "O5'" . TAF A 1 7  ? -7.837  -4.470  1.859   1.00 17.23 ? 7   TAF A "O5'" 1 
HETATM 126 N  N1    . TAF A 1 7  ? -4.070  -1.685  2.197   1.00 16.68 ? 7   TAF A N1    1 
HETATM 127 C  C6    . TAF A 1 7  ? -5.144  -0.874  1.826   1.00 14.21 ? 7   TAF A C6    1 
HETATM 128 C  C2    . TAF A 1 7  ? -2.763  -1.196  2.245   1.00 15.18 ? 7   TAF A C2    1 
HETATM 129 O  O2    . TAF A 1 7  ? -1.799  -1.847  2.614   1.00 16.94 ? 7   TAF A O2    1 
HETATM 130 N  N3    . TAF A 1 7  ? -2.628  0.083   1.855   1.00 14.00 ? 7   TAF A N3    1 
HETATM 131 C  C4    . TAF A 1 7  ? -3.591  0.948   1.440   1.00 10.17 ? 7   TAF A C4    1 
HETATM 132 O  O4    . TAF A 1 7  ? -3.249  2.038   1.098   1.00 12.24 ? 7   TAF A O4    1 
HETATM 133 C  C5    . TAF A 1 7  ? -4.993  0.413   1.455   1.00 12.82 ? 7   TAF A C5    1 
HETATM 134 C  C5M   . TAF A 1 7  ? -6.140  1.285   1.059   1.00 12.69 ? 7   TAF A C5M   1 
HETATM 135 F  "F2'" . TAF A 1 7  ? -5.623  -2.353  4.332   1.00 18.00 ? 7   TAF A "F2'" 1 
HETATM 136 C  "C2'" . TAF A 1 7  ? -4.889  -3.414  3.886   1.00 18.29 ? 7   TAF A "C2'" 1 
HETATM 137 C  "C5'" . TAF A 1 7  ? -6.795  -5.406  1.554   1.00 15.60 ? 7   TAF A "C5'" 1 
HETATM 138 C  "C4'" . TAF A 1 7  ? -5.484  -4.946  2.137   1.00 15.40 ? 7   TAF A "C4'" 1 
HETATM 139 O  "O4'" . TAF A 1 7  ? -5.071  -3.693  1.567   1.00 15.66 ? 7   TAF A "O4'" 1 
HETATM 140 C  "C1'" . TAF A 1 7  ? -4.240  -3.110  2.538   1.00 18.05 ? 7   TAF A "C1'" 1 
HETATM 141 C  "C3'" . TAF A 1 7  ? -5.601  -4.737  3.643   1.00 17.47 ? 7   TAF A "C3'" 1 
HETATM 142 O  "O3'" . TAF A 1 7  ? -5.050  -5.906  4.298   1.00 17.24 ? 7   TAF A "O3'" 1 
HETATM 143 P  P     . TAF A 1 8  ? -5.047  -6.054  5.912   1.00 19.28 ? 8   TAF A P     1 
HETATM 144 O  OP1   . TAF A 1 8  ? -4.849  -7.502  6.139   1.00 18.63 ? 8   TAF A OP1   1 
HETATM 145 O  OP2   . TAF A 1 8  ? -6.290  -5.424  6.453   1.00 21.93 ? 8   TAF A OP2   1 
HETATM 146 O  "O5'" . TAF A 1 8  ? -3.755  -5.258  6.398   1.00 17.83 ? 8   TAF A "O5'" 1 
HETATM 147 N  N1    . TAF A 1 8  ? -1.761  -1.117  5.955   1.00 14.68 ? 8   TAF A N1    1 
HETATM 148 C  C6    . TAF A 1 8  ? -3.132  -0.938  6.027   1.00 16.90 ? 8   TAF A C6    1 
HETATM 149 C  C2    . TAF A 1 8  ? -0.923  -0.133  5.534   1.00 13.31 ? 8   TAF A C2    1 
HETATM 150 O  O2    . TAF A 1 8  ? 0.289   -0.216  5.586   1.00 16.97 ? 8   TAF A O2    1 
HETATM 151 N  N3    . TAF A 1 8  ? -1.558  0.997   5.115   1.00 13.92 ? 8   TAF A N3    1 
HETATM 152 C  C4    . TAF A 1 8  ? -2.927  1.242   5.050   1.00 10.61 ? 8   TAF A C4    1 
HETATM 153 O  O4    . TAF A 1 8  ? -3.332  2.297   4.540   1.00 10.52 ? 8   TAF A O4    1 
HETATM 154 C  C5    . TAF A 1 8  ? -3.772  0.170   5.632   1.00 12.02 ? 8   TAF A C5    1 
HETATM 155 C  C5M   . TAF A 1 8  ? -5.258  0.309   5.687   1.00 13.82 ? 8   TAF A C5M   1 
HETATM 156 F  "F2'" . TAF A 1 8  ? -2.253  -2.378  8.388   1.00 22.61 ? 8   TAF A "F2'" 1 
HETATM 157 C  "C2'" . TAF A 1 8  ? -1.164  -2.750  7.646   1.00 17.61 ? 8   TAF A "C2'" 1 
HETATM 158 C  "C5'" . TAF A 1 8  ? -2.451  -5.673  5.924   1.00 16.57 ? 8   TAF A "C5'" 1 
HETATM 159 C  "C4'" . TAF A 1 8  ? -1.419  -4.594  6.141   1.00 17.90 ? 8   TAF A "C4'" 1 
HETATM 160 O  "O4'" . TAF A 1 8  ? -1.820  -3.364  5.510   1.00 17.12 ? 8   TAF A "O4'" 1 
HETATM 161 C  "C1'" . TAF A 1 8  ? -1.116  -2.376  6.212   1.00 18.58 ? 8   TAF A "C1'" 1 
HETATM 162 C  "C3'" . TAF A 1 8  ? -1.267  -4.253  7.620   1.00 20.83 ? 8   TAF A "C3'" 1 
HETATM 163 O  "O3'" . TAF A 1 8  ? -0.030  -4.872  8.038   1.00 25.78 ? 8   TAF A "O3'" 1 
ATOM   164 P  P     . DC  A 1 9  ? 0.547   -4.707  9.552   1.00 26.14 ? 9   DC  A P     1 
ATOM   165 O  OP1   . DC  A 1 9  ? 1.339   -5.953  9.813   1.00 29.66 ? 9   DC  A OP1   1 
ATOM   166 O  OP2   . DC  A 1 9  ? -0.509  -4.340  10.501  1.00 31.51 ? 9   DC  A OP2   1 
ATOM   167 O  "O5'" . DC  A 1 9  ? 1.550   -3.462  9.455   1.00 23.17 ? 9   DC  A "O5'" 1 
ATOM   168 C  "C5'" . DC  A 1 9  ? 2.511   -3.387  8.394   1.00 22.56 ? 9   DC  A "C5'" 1 
ATOM   169 C  "C4'" . DC  A 1 9  ? 3.235   -2.066  8.427   1.00 20.68 ? 9   DC  A "C4'" 1 
ATOM   170 O  "O4'" . DC  A 1 9  ? 2.413   -0.964  7.996   1.00 20.03 ? 9   DC  A "O4'" 1 
ATOM   171 C  "C3'" . DC  A 1 9  ? 3.793   -1.663  9.783   1.00 23.27 ? 9   DC  A "C3'" 1 
ATOM   172 O  "O3'" . DC  A 1 9  ? 5.134   -1.258  9.527   1.00 25.84 ? 9   DC  A "O3'" 1 
ATOM   173 C  "C2'" . DC  A 1 9  ? 2.888   -0.512  10.226  1.00 17.07 ? 9   DC  A "C2'" 1 
ATOM   174 C  "C1'" . DC  A 1 9  ? 2.501   0.126   8.906   1.00 18.91 ? 9   DC  A "C1'" 1 
ATOM   175 N  N1    . DC  A 1 9  ? 1.219   0.832   8.794   1.00 17.50 ? 9   DC  A N1    1 
ATOM   176 C  C2    . DC  A 1 9  ? 1.179   2.172   8.300   1.00 16.31 ? 9   DC  A C2    1 
ATOM   177 O  O2    . DC  A 1 9  ? 2.240   2.799   8.084   1.00 16.84 ? 9   DC  A O2    1 
ATOM   178 N  N3    . DC  A 1 9  ? -0.029  2.736   8.071   1.00 16.71 ? 9   DC  A N3    1 
ATOM   179 C  C4    . DC  A 1 9  ? -1.153  2.063   8.358   1.00 16.80 ? 9   DC  A C4    1 
ATOM   180 N  N4    . DC  A 1 9  ? -2.313  2.669   8.100   1.00 14.20 ? 9   DC  A N4    1 
ATOM   181 C  C5    . DC  A 1 9  ? -1.133  0.742   8.908   1.00 15.35 ? 9   DC  A C5    1 
ATOM   182 C  C6    . DC  A 1 9  ? 0.060   0.177   9.112   1.00 16.05 ? 9   DC  A C6    1 
ATOM   183 P  P     . DG  A 1 10 ? 6.204   -1.191  10.712  1.00 28.17 ? 10  DG  A P     1 
ATOM   184 O  OP1   . DG  A 1 10 ? 7.538   -1.424  10.118  1.00 27.75 ? 10  DG  A OP1   1 
ATOM   185 O  OP2   . DG  A 1 10 ? 5.769   -1.996  11.897  1.00 27.60 ? 10  DG  A OP2   1 
ATOM   186 O  "O5'" . DG  A 1 10 ? 6.062   0.322   11.182  1.00 26.11 ? 10  DG  A "O5'" 1 
ATOM   187 C  "C5'" . DG  A 1 10 ? 6.394   1.401   10.302  1.00 22.29 ? 10  DG  A "C5'" 1 
ATOM   188 C  "C4'" . DG  A 1 10 ? 6.007   2.703   10.955  1.00 23.90 ? 10  DG  A "C4'" 1 
ATOM   189 O  "O4'" . DG  A 1 10 ? 4.585   2.845   10.806  1.00 20.82 ? 10  DG  A "O4'" 1 
ATOM   190 C  "C3'" . DG  A 1 10 ? 6.280   2.746   12.466  1.00 21.52 ? 10  DG  A "C3'" 1 
ATOM   191 O  "O3'" . DG  A 1 10 ? 6.601   4.092   12.851  1.00 29.01 ? 10  DG  A "O3'" 1 
ATOM   192 C  "C2'" . DG  A 1 10 ? 4.922   2.440   13.070  1.00 22.86 ? 10  DG  A "C2'" 1 
ATOM   193 C  "C1'" . DG  A 1 10 ? 4.074   3.187   12.066  1.00 20.61 ? 10  DG  A "C1'" 1 
ATOM   194 N  N9    . DG  A 1 10 ? 2.629   3.014   12.034  1.00 18.39 ? 10  DG  A N9    1 
ATOM   195 C  C8    . DG  A 1 10 ? 1.886   1.970   12.509  1.00 18.12 ? 10  DG  A C8    1 
ATOM   196 N  N7    . DG  A 1 10 ? 0.605   2.132   12.309  1.00 17.03 ? 10  DG  A N7    1 
ATOM   197 C  C5    . DG  A 1 10 ? 0.506   3.357   11.662  1.00 16.35 ? 10  DG  A C5    1 
ATOM   198 C  C6    . DG  A 1 10 ? -0.639  4.074   11.187  1.00 12.44 ? 10  DG  A C6    1 
ATOM   199 O  O6    . DG  A 1 10 ? -1.824  3.740   11.223  1.00 16.55 ? 10  DG  A O6    1 
ATOM   200 N  N1    . DG  A 1 10 ? -0.280  5.287   10.618  1.00 12.70 ? 10  DG  A N1    1 
ATOM   201 C  C2    . DG  A 1 10 ? 1.004   5.746   10.506  1.00 12.90 ? 10  DG  A C2    1 
ATOM   202 N  N2    . DG  A 1 10 ? 1.148   6.925   9.936   1.00 12.96 ? 10  DG  A N2    1 
ATOM   203 N  N3    . DG  A 1 10 ? 2.068   5.090   10.928  1.00 13.63 ? 10  DG  A N3    1 
ATOM   204 C  C4    . DG  A 1 10 ? 1.748   3.917   11.492  1.00 13.13 ? 10  DG  A C4    1 
ATOM   205 P  P     . DC  A 1 11 ? 8.134   4.527   13.093  1.00 32.12 ? 11  DC  A P     1 
ATOM   206 O  OP1   . DC  A 1 11 ? 9.008   3.828   12.116  1.00 34.16 ? 11  DC  A OP1   1 
ATOM   207 O  OP2   . DC  A 1 11 ? 8.347   4.350   14.546  1.00 35.80 ? 11  DC  A OP2   1 
ATOM   208 O  "O5'" . DC  A 1 11 ? 8.165   6.046   12.645  1.00 22.62 ? 11  DC  A "O5'" 1 
ATOM   209 C  "C5'" . DC  A 1 11 ? 8.143   6.343   11.248  1.00 23.22 ? 11  DC  A "C5'" 1 
ATOM   210 C  "C4'" . DC  A 1 11 ? 7.341   7.593   10.982  1.00 23.10 ? 11  DC  A "C4'" 1 
ATOM   211 O  "O4'" . DC  A 1 11 ? 5.922   7.416   11.169  1.00 23.58 ? 11  DC  A "O4'" 1 
ATOM   212 C  "C3'" . DC  A 1 11 ? 7.722   8.798   11.828  1.00 19.01 ? 11  DC  A "C3'" 1 
ATOM   213 O  "O3'" . DC  A 1 11 ? 7.692   9.895   10.929  1.00 20.90 ? 11  DC  A "O3'" 1 
ATOM   214 C  "C2'" . DC  A 1 11 ? 6.595   8.890   12.854  1.00 22.11 ? 11  DC  A "C2'" 1 
ATOM   215 C  "C1'" . DC  A 1 11 ? 5.392   8.382   12.069  1.00 18.74 ? 11  DC  A "C1'" 1 
ATOM   216 N  N1    . DC  A 1 11 ? 4.334   7.694   12.804  1.00 18.89 ? 11  DC  A N1    1 
ATOM   217 C  C2    . DC  A 1 11 ? 2.976   8.045   12.576  1.00 15.13 ? 11  DC  A C2    1 
ATOM   218 O  O2    . DC  A 1 11 ? 2.711   8.999   11.821  1.00 15.46 ? 11  DC  A O2    1 
ATOM   219 N  N3    . DC  A 1 11 ? 2.008   7.323   13.184  1.00 15.00 ? 11  DC  A N3    1 
ATOM   220 C  C4    . DC  A 1 11 ? 2.342   6.302   13.986  1.00 12.80 ? 11  DC  A C4    1 
ATOM   221 N  N4    . DC  A 1 11 ? 1.363   5.585   14.533  1.00 16.97 ? 11  DC  A N4    1 
ATOM   222 C  C5    . DC  A 1 11 ? 3.701   5.963   14.258  1.00 16.84 ? 11  DC  A C5    1 
ATOM   223 C  C6    . DC  A 1 11 ? 4.652   6.679   13.658  1.00 13.12 ? 11  DC  A C6    1 
ATOM   224 P  P     . DG  A 1 12 ? 8.482   11.241  11.278  1.00 23.65 ? 12  DG  A P     1 
ATOM   225 O  OP1   . DG  A 1 12 ? 8.731   11.887  9.972   1.00 22.01 ? 12  DG  A OP1   1 
ATOM   226 O  OP2   . DG  A 1 12 ? 9.577   10.945  12.225  1.00 23.00 ? 12  DG  A OP2   1 
ATOM   227 O  "O5'" . DG  A 1 12 ? 7.444   12.121  12.091  1.00 26.22 ? 12  DG  A "O5'" 1 
ATOM   228 C  "C5'" . DG  A 1 12 ? 6.443   12.931  11.447  1.00 23.21 ? 12  DG  A "C5'" 1 
ATOM   229 C  "C4'" . DG  A 1 12 ? 5.418   13.340  12.475  1.00 18.75 ? 12  DG  A "C4'" 1 
ATOM   230 O  "O4'" . DG  A 1 12 ? 4.664   12.200  12.930  1.00 19.17 ? 12  DG  A "O4'" 1 
ATOM   231 C  "C3'" . DG  A 1 12 ? 6.081   13.891  13.731  1.00 18.47 ? 12  DG  A "C3'" 1 
ATOM   232 O  "O3'" . DG  A 1 12 ? 6.061   15.282  13.521  1.00 20.89 ? 12  DG  A "O3'" 1 
ATOM   233 C  "C2'" . DG  A 1 12 ? 5.154   13.496  14.866  1.00 19.15 ? 12  DG  A "C2'" 1 
ATOM   234 C  "C1'" . DG  A 1 12 ? 4.165   12.540  14.223  1.00 18.93 ? 12  DG  A "C1'" 1 
ATOM   235 N  N9    . DG  A 1 12 ? 3.874   11.315  14.954  1.00 18.50 ? 12  DG  A N9    1 
ATOM   236 C  C8    . DG  A 1 12 ? 4.749   10.409  15.517  1.00 16.72 ? 12  DG  A C8    1 
ATOM   237 N  N7    . DG  A 1 12 ? 4.140   9.403   16.088  1.00 16.38 ? 12  DG  A N7    1 
ATOM   238 C  C5    . DG  A 1 12 ? 2.788   9.666   15.897  1.00 18.51 ? 12  DG  A C5    1 
ATOM   239 C  C6    . DG  A 1 12 ? 1.624   8.931   16.299  1.00 17.06 ? 12  DG  A C6    1 
ATOM   240 O  O6    . DG  A 1 12 ? 1.556   7.865   16.924  1.00 19.33 ? 12  DG  A O6    1 
ATOM   241 N  N1    . DG  A 1 12 ? 0.450   9.575   15.899  1.00 18.79 ? 12  DG  A N1    1 
ATOM   242 C  C2    . DG  A 1 12 ? 0.391   10.765  15.214  1.00 14.83 ? 12  DG  A C2    1 
ATOM   243 N  N2    . DG  A 1 12 ? -0.839  11.244  14.938  1.00 15.78 ? 12  DG  A N2    1 
ATOM   244 N  N3    . DG  A 1 12 ? 1.460   11.445  14.832  1.00 15.47 ? 12  DG  A N3    1 
ATOM   245 C  C4    . DG  A 1 12 ? 2.613   10.842  15.205  1.00 17.24 ? 12  DG  A C4    1 
ATOM   246 O  "O5'" . DC  B 1 1  ? -7.337  7.395   19.483  1.00 31.34 ? 13  DC  B "O5'" 1 
ATOM   247 C  "C5'" . DC  B 1 1  ? -7.936  8.507   18.851  1.00 31.61 ? 13  DC  B "C5'" 1 
ATOM   248 C  "C4'" . DC  B 1 1  ? -7.330  8.832   17.508  1.00 30.59 ? 13  DC  B "C4'" 1 
ATOM   249 O  "O4'" . DC  B 1 1  ? -5.910  9.071   17.555  1.00 31.95 ? 13  DC  B "O4'" 1 
ATOM   250 C  "C3'" . DC  B 1 1  ? -7.508  7.776   16.441  1.00 31.26 ? 13  DC  B "C3'" 1 
ATOM   251 O  "O3'" . DC  B 1 1  ? -7.588  8.571   15.284  1.00 33.23 ? 13  DC  B "O3'" 1 
ATOM   252 C  "C2'" . DC  B 1 1  ? -6.162  7.064   16.407  1.00 31.06 ? 13  DC  B "C2'" 1 
ATOM   253 C  "C1'" . DC  B 1 1  ? -5.225  8.224   16.642  1.00 29.56 ? 13  DC  B "C1'" 1 
ATOM   254 N  N1    . DC  B 1 1  ? -3.948  7.904   17.264  1.00 30.65 ? 13  DC  B N1    1 
ATOM   255 C  C2    . DC  B 1 1  ? -2.768  8.476   16.752  1.00 28.88 ? 13  DC  B C2    1 
ATOM   256 O  O2    . DC  B 1 1  ? -2.842  9.234   15.767  1.00 23.43 ? 13  DC  B O2    1 
ATOM   257 N  N3    . DC  B 1 1  ? -1.590  8.210   17.370  1.00 36.20 ? 13  DC  B N3    1 
ATOM   258 C  C4    . DC  B 1 1  ? -1.568  7.442   18.477  1.00 38.16 ? 13  DC  B C4    1 
ATOM   259 N  N4    . DC  B 1 1  ? -0.393  7.256   19.098  1.00 39.44 ? 13  DC  B N4    1 
ATOM   260 C  C5    . DC  B 1 1  ? -2.752  6.845   19.002  1.00 36.54 ? 13  DC  B C5    1 
ATOM   261 C  C6    . DC  B 1 1  ? -3.904  7.088   18.362  1.00 35.60 ? 13  DC  B C6    1 
ATOM   262 P  P     . DG  B 1 2  ? -8.923  8.593   14.429  1.00 34.44 ? 14  DG  B P     1 
ATOM   263 O  OP1   . DG  B 1 2  ? -10.041 9.070   15.252  1.00 39.94 ? 14  DG  B OP1   1 
ATOM   264 O  OP2   . DG  B 1 2  ? -8.956  7.207   13.893  1.00 33.49 ? 14  DG  B OP2   1 
ATOM   265 O  "O5'" . DG  B 1 2  ? -8.578  9.679   13.314  1.00 31.62 ? 14  DG  B "O5'" 1 
ATOM   266 C  "C5'" . DG  B 1 2  ? -8.220  11.046  13.643  1.00 27.15 ? 14  DG  B "C5'" 1 
ATOM   267 C  "C4'" . DG  B 1 2  ? -7.000  11.460  12.843  1.00 24.58 ? 14  DG  B "C4'" 1 
ATOM   268 O  "O4'" . DG  B 1 2  ? -5.833  10.852  13.421  1.00 25.43 ? 14  DG  B "O4'" 1 
ATOM   269 C  "C3'" . DG  B 1 2  ? -7.006  11.015  11.379  1.00 22.71 ? 14  DG  B "C3'" 1 
ATOM   270 O  "O3'" . DG  B 1 2  ? -7.408  12.113  10.561  1.00 18.16 ? 14  DG  B "O3'" 1 
ATOM   271 C  "C2'" . DG  B 1 2  ? -5.544  10.758  11.061  1.00 24.29 ? 14  DG  B "C2'" 1 
ATOM   272 C  "C1'" . DG  B 1 2  ? -4.885  10.566  12.400  1.00 22.97 ? 14  DG  B "C1'" 1 
ATOM   273 N  N9    . DG  B 1 2  ? -4.283  9.280   12.703  1.00 18.98 ? 14  DG  B N9    1 
ATOM   274 C  C8    . DG  B 1 2  ? -4.898  8.172   13.212  1.00 18.48 ? 14  DG  B C8    1 
ATOM   275 N  N7    . DG  B 1 2  ? -4.068  7.202   13.474  1.00 18.92 ? 14  DG  B N7    1 
ATOM   276 C  C5    . DG  B 1 2  ? -2.835  7.704   13.090  1.00 18.50 ? 14  DG  B C5    1 
ATOM   277 C  C6    . DG  B 1 2  ? -1.544  7.116   13.148  1.00 15.74 ? 14  DG  B C6    1 
ATOM   278 O  O6    . DG  B 1 2  ? -1.225  5.998   13.585  1.00 15.64 ? 14  DG  B O6    1 
ATOM   279 N  N1    . DG  B 1 2  ? -0.574  7.979   12.644  1.00 14.27 ? 14  DG  B N1    1 
ATOM   280 C  C2    . DG  B 1 2  ? -0.819  9.245   12.161  1.00 14.35 ? 14  DG  B C2    1 
ATOM   281 N  N2    . DG  B 1 2  ? 0.233   9.937   11.733  1.00 14.48 ? 14  DG  B N2    1 
ATOM   282 N  N3    . DG  B 1 2  ? -2.012  9.794   12.108  1.00 16.94 ? 14  DG  B N3    1 
ATOM   283 C  C4    . DG  B 1 2  ? -2.962  8.978   12.587  1.00 17.11 ? 14  DG  B C4    1 
ATOM   284 P  P     . DC  B 1 3  ? -7.539  11.934  8.967   1.00 19.07 ? 15  DC  B P     1 
ATOM   285 O  OP1   . DC  B 1 3  ? -8.062  13.185  8.410   1.00 21.21 ? 15  DC  B OP1   1 
ATOM   286 O  OP2   . DC  B 1 3  ? -8.226  10.658  8.715   1.00 20.53 ? 15  DC  B OP2   1 
ATOM   287 O  "O5'" . DC  B 1 3  ? -6.058  11.768  8.409   1.00 20.18 ? 15  DC  B "O5'" 1 
ATOM   288 C  "C5'" . DC  B 1 3  ? -5.183  12.898  8.314   1.00 18.91 ? 15  DC  B "C5'" 1 
ATOM   289 C  "C4'" . DC  B 1 3  ? -3.764  12.419  8.152   1.00 17.52 ? 15  DC  B "C4'" 1 
ATOM   290 O  "O4'" . DC  B 1 3  ? -3.531  11.356  9.093   1.00 18.65 ? 15  DC  B "O4'" 1 
ATOM   291 C  "C3'" . DC  B 1 3  ? -3.459  11.793  6.799   1.00 18.53 ? 15  DC  B "C3'" 1 
ATOM   292 O  "O3'" . DC  B 1 3  ? -3.043  12.835  5.930   1.00 18.62 ? 15  DC  B "O3'" 1 
ATOM   293 C  "C2'" . DC  B 1 3  ? -2.305  10.861  7.111   1.00 20.26 ? 15  DC  B "C2'" 1 
ATOM   294 C  "C1'" . DC  B 1 3  ? -2.561  10.465  8.549   1.00 17.19 ? 15  DC  B "C1'" 1 
ATOM   295 N  N1    . DC  B 1 3  ? -2.963  9.091   8.866   1.00 17.88 ? 15  DC  B N1    1 
ATOM   296 C  C2    . DC  B 1 3  ? -1.956  8.166   9.162   1.00 14.66 ? 15  DC  B C2    1 
ATOM   297 O  O2    . DC  B 1 3  ? -0.781  8.523   9.055   1.00 16.59 ? 15  DC  B O2    1 
ATOM   298 N  N3    . DC  B 1 3  ? -2.288  6.920   9.550   1.00 13.35 ? 15  DC  B N3    1 
ATOM   299 C  C4    . DC  B 1 3  ? -3.571  6.571   9.627   1.00 17.51 ? 15  DC  B C4    1 
ATOM   300 N  N4    . DC  B 1 3  ? -3.848  5.344   10.039  1.00 18.37 ? 15  DC  B N4    1 
ATOM   301 C  C5    . DC  B 1 3  ? -4.624  7.479   9.289   1.00 17.11 ? 15  DC  B C5    1 
ATOM   302 C  C6    . DC  B 1 3  ? -4.277  8.718   8.912   1.00 17.83 ? 15  DC  B C6    1 
ATOM   303 P  P     . DG  B 1 4  ? -2.914  12.572  4.357   1.00 22.37 ? 16  DG  B P     1 
ATOM   304 O  OP1   . DG  B 1 4  ? -3.064  13.884  3.692   1.00 24.65 ? 16  DG  B OP1   1 
ATOM   305 O  OP2   . DG  B 1 4  ? -3.820  11.448  3.998   1.00 23.75 ? 16  DG  B OP2   1 
ATOM   306 O  "O5'" . DG  B 1 4  ? -1.413  12.063  4.148   1.00 24.39 ? 16  DG  B "O5'" 1 
ATOM   307 C  "C5'" . DG  B 1 4  ? -0.267  12.810  4.629   1.00 22.94 ? 16  DG  B "C5'" 1 
ATOM   308 C  "C4'" . DG  B 1 4  ? 0.991   11.990  4.452   1.00 19.08 ? 16  DG  B "C4'" 1 
ATOM   309 O  "O4'" . DG  B 1 4  ? 0.862   10.765  5.213   1.00 18.49 ? 16  DG  B "O4'" 1 
ATOM   310 C  "C3'" . DG  B 1 4  ? 1.255   11.559  3.007   1.00 21.44 ? 16  DG  B "C3'" 1 
ATOM   311 O  "O3'" . DG  B 1 4  ? 2.690   11.612  2.851   1.00 25.60 ? 16  DG  B "O3'" 1 
ATOM   312 C  "C2'" . DG  B 1 4  ? 0.647   10.169  2.942   1.00 16.39 ? 16  DG  B "C2'" 1 
ATOM   313 C  "C1'" . DG  B 1 4  ? 0.873   9.639   4.341   1.00 16.04 ? 16  DG  B "C1'" 1 
ATOM   314 N  N9    . DG  B 1 4  ? -0.136  8.695   4.797   1.00 12.54 ? 16  DG  B N9    1 
ATOM   315 C  C8    . DG  B 1 4  ? -1.484  8.715   4.527   1.00 13.21 ? 16  DG  B C8    1 
ATOM   316 N  N7    . DG  B 1 4  ? -2.133  7.720   5.068   1.00 14.55 ? 16  DG  B N7    1 
ATOM   317 C  C5    . DG  B 1 4  ? -1.155  6.993   5.739   1.00 12.75 ? 16  DG  B C5    1 
ATOM   318 C  C6    . DG  B 1 4  ? -1.240  5.779   6.528   1.00 11.28 ? 16  DG  B C6    1 
ATOM   319 O  O6    . DG  B 1 4  ? -2.217  5.061   6.791   1.00 11.80 ? 16  DG  B O6    1 
ATOM   320 N  N1    . DG  B 1 4  ? 0.002   5.422   7.017   1.00 13.93 ? 16  DG  B N1    1 
ATOM   321 C  C2    . DG  B 1 4  ? 1.167   6.092   6.777   1.00 13.48 ? 16  DG  B C2    1 
ATOM   322 N  N2    . DG  B 1 4  ? 2.242   5.553   7.319   1.00 14.78 ? 16  DG  B N2    1 
ATOM   323 N  N3    . DG  B 1 4  ? 1.264   7.194   6.059   1.00 11.21 ? 16  DG  B N3    1 
ATOM   324 C  C4    . DG  B 1 4  ? 0.075   7.590   5.576   1.00 12.80 ? 16  DG  B C4    1 
ATOM   325 P  P     . DA  B 1 5  ? 3.465   10.702  1.773   1.00 23.95 ? 17  DA  B P     1 
ATOM   326 O  OP1   . DA  B 1 5  ? 4.613   11.559  1.420   1.00 23.70 ? 17  DA  B OP1   1 
ATOM   327 O  OP2   . DA  B 1 5  ? 2.592   10.149  0.719   1.00 28.23 ? 17  DA  B OP2   1 
ATOM   328 O  "O5'" . DA  B 1 5  ? 3.949   9.415   2.573   1.00 21.88 ? 17  DA  B "O5'" 1 
ATOM   329 C  "C5'" . DA  B 1 5  ? 4.626   9.498   3.818   1.00 20.79 ? 17  DA  B "C5'" 1 
ATOM   330 C  "C4'" . DA  B 1 5  ? 5.240   8.154   4.123   1.00 18.87 ? 17  DA  B "C4'" 1 
ATOM   331 O  "O4'" . DA  B 1 5  ? 4.217   7.201   4.501   1.00 19.51 ? 17  DA  B "O4'" 1 
ATOM   332 C  "C3'" . DA  B 1 5  ? 5.972   7.527   2.939   1.00 22.96 ? 17  DA  B "C3'" 1 
ATOM   333 O  "O3'" . DA  B 1 5  ? 7.098   6.849   3.500   1.00 27.02 ? 17  DA  B "O3'" 1 
ATOM   334 C  "C2'" . DA  B 1 5  ? 4.957   6.544   2.373   1.00 22.39 ? 17  DA  B "C2'" 1 
ATOM   335 C  "C1'" . DA  B 1 5  ? 4.164   6.094   3.598   1.00 20.11 ? 17  DA  B "C1'" 1 
ATOM   336 N  N9    . DA  B 1 5  ? 2.739   5.839   3.331   1.00 15.60 ? 17  DA  B N9    1 
ATOM   337 C  C8    . DA  B 1 5  ? 1.925   6.647   2.580   1.00 15.06 ? 17  DA  B C8    1 
ATOM   338 N  N7    . DA  B 1 5  ? 0.676   6.252   2.543   1.00 15.45 ? 17  DA  B N7    1 
ATOM   339 C  C5    . DA  B 1 5  ? 0.663   5.095   3.302   1.00 12.84 ? 17  DA  B C5    1 
ATOM   340 C  C6    . DA  B 1 5  ? -0.374  4.199   3.656   1.00 11.28 ? 17  DA  B C6    1 
ATOM   341 N  N6    . DA  B 1 5  ? -1.650  4.364   3.298   1.00 12.04 ? 17  DA  B N6    1 
ATOM   342 N  N1    . DA  B 1 5  ? -0.047  3.128   4.414   1.00 14.85 ? 17  DA  B N1    1 
ATOM   343 C  C2    . DA  B 1 5  ? 1.230   2.991   4.810   1.00 12.77 ? 17  DA  B C2    1 
ATOM   344 N  N3    . DA  B 1 5  ? 2.283   3.773   4.555   1.00 11.22 ? 17  DA  B N3    1 
ATOM   345 C  C4    . DA  B 1 5  ? 1.935   4.814   3.789   1.00 11.70 ? 17  DA  B C4    1 
ATOM   346 P  P     . DA  B 1 6  ? 8.073   5.968   2.584   1.00 22.94 ? 18  DA  B P     1 
ATOM   347 O  OP1   . DA  B 1 6  ? 9.370   6.009   3.275   1.00 32.15 ? 18  DA  B OP1   1 
ATOM   348 O  OP2   . DA  B 1 6  ? 7.977   6.366   1.177   1.00 22.51 ? 18  DA  B OP2   1 
ATOM   349 O  "O5'" . DA  B 1 6  ? 7.521   4.488   2.762   1.00 18.87 ? 18  DA  B "O5'" 1 
ATOM   350 C  "C5'" . DA  B 1 6  ? 7.484   3.890   4.046   1.00 15.40 ? 18  DA  B "C5'" 1 
ATOM   351 C  "C4'" . DA  B 1 6  ? 6.888   2.508   3.960   1.00 20.67 ? 18  DA  B "C4'" 1 
ATOM   352 O  "O4'" . DA  B 1 6  ? 5.465   2.536   3.694   1.00 19.88 ? 18  DA  B "O4'" 1 
ATOM   353 C  "C3'" . DA  B 1 6  ? 7.502   1.578   2.916   1.00 22.71 ? 18  DA  B "C3'" 1 
ATOM   354 O  "O3'" . DA  B 1 6  ? 7.838   0.376   3.598   1.00 26.47 ? 18  DA  B "O3'" 1 
ATOM   355 C  "C2'" . DA  B 1 6  ? 6.392   1.398   1.883   1.00 20.18 ? 18  DA  B "C2'" 1 
ATOM   356 C  "C1'" . DA  B 1 6  ? 5.126   1.583   2.699   1.00 19.06 ? 18  DA  B "C1'" 1 
ATOM   357 N  N9    . DA  B 1 6  ? 3.957   2.104   1.982   1.00 16.00 ? 18  DA  B N9    1 
ATOM   358 C  C8    . DA  B 1 6  ? 3.866   3.187   1.129   1.00 14.19 ? 18  DA  B C8    1 
ATOM   359 N  N7    . DA  B 1 6  ? 2.649   3.404   0.689   1.00 15.75 ? 18  DA  B N7    1 
ATOM   360 C  C5    . DA  B 1 6  ? 1.892   2.399   1.279   1.00 14.46 ? 18  DA  B C5    1 
ATOM   361 C  C6    . DA  B 1 6  ? 0.518   2.085   1.215   1.00 11.68 ? 18  DA  B C6    1 
ATOM   362 N  N6    . DA  B 1 6  ? -0.353  2.803   0.516   1.00 13.93 ? 18  DA  B N6    1 
ATOM   363 N  N1    . DA  B 1 6  ? 0.078   1.009   1.906   1.00 10.79 ? 18  DA  B N1    1 
ATOM   364 C  C2    . DA  B 1 6  ? 0.963   0.312   2.635   1.00 17.20 ? 18  DA  B C2    1 
ATOM   365 N  N3    . DA  B 1 6  ? 2.280   0.519   2.788   1.00 14.77 ? 18  DA  B N3    1 
ATOM   366 C  C4    . DA  B 1 6  ? 2.683   1.586   2.074   1.00 14.21 ? 18  DA  B C4    1 
HETATM 367 P  P     . TAF B 1 7  ? 8.534   -0.819  2.854   1.00 23.28 ? 19  TAF B P     1 
HETATM 368 O  OP1   . TAF B 1 7  ? 9.322   -1.510  3.915   1.00 25.24 ? 19  TAF B OP1   1 
HETATM 369 O  OP2   . TAF B 1 7  ? 9.195   -0.366  1.571   1.00 21.14 ? 19  TAF B OP2   1 
HETATM 370 O  "O5'" . TAF B 1 7  ? 7.270   -1.682  2.455   1.00 22.07 ? 19  TAF B "O5'" 1 
HETATM 371 N  N1    . TAF B 1 7  ? 3.278   -1.544  0.165   1.00 13.62 ? 19  TAF B N1    1 
HETATM 372 C  C6    . TAF B 1 7  ? 4.095   -0.588  -0.476  1.00 11.91 ? 19  TAF B C6    1 
HETATM 373 C  C2    . TAF B 1 7  ? 1.948   -1.564  0.012   1.00 13.69 ? 19  TAF B C2    1 
HETATM 374 O  O2    . TAF B 1 7  ? 1.239   -2.412  0.533   1.00 15.89 ? 19  TAF B O2    1 
HETATM 375 N  N3    . TAF B 1 7  ? 1.441   -0.569  -0.769  1.00 12.33 ? 19  TAF B N3    1 
HETATM 376 C  C4    . TAF B 1 7  ? 2.123   0.437   -1.421  1.00 12.18 ? 19  TAF B C4    1 
HETATM 377 O  O4    . TAF B 1 7  ? 1.481   1.242   -2.053  1.00 14.95 ? 19  TAF B O4    1 
HETATM 378 C  C5    . TAF B 1 7  ? 3.594   0.407   -1.261  1.00 12.16 ? 19  TAF B C5    1 
HETATM 379 C  C5M   . TAF B 1 7  ? 4.438   1.448   -1.935  1.00 14.24 ? 19  TAF B C5M   1 
HETATM 380 F  "F2'" . TAF B 1 7  ? 5.419   -3.181  -0.347  1.00 16.65 ? 19  TAF B "F2'" 1 
HETATM 381 C  "C2'" . TAF B 1 7  ? 4.623   -3.730  0.628   1.00 13.79 ? 19  TAF B "C2'" 1 
HETATM 382 C  "C5'" . TAF B 1 7  ? 6.454   -2.338  3.475   1.00 22.09 ? 19  TAF B "C5'" 1 
HETATM 383 C  "C4'" . TAF B 1 7  ? 5.199   -2.862  2.834   1.00 21.52 ? 19  TAF B "C4'" 1 
HETATM 384 O  "O4'" . TAF B 1 7  ? 4.471   -1.892  2.098   1.00 18.03 ? 19  TAF B "O4'" 1 
HETATM 385 C  "C1'" . TAF B 1 7  ? 3.746   -2.570  1.103   1.00 15.89 ? 19  TAF B "C1'" 1 
HETATM 386 C  "C3'" . TAF B 1 7  ? 5.507   -3.987  1.865   1.00 17.67 ? 19  TAF B "C3'" 1 
HETATM 387 O  "O3'" . TAF B 1 7  ? 5.224   -5.174  2.592   1.00 22.96 ? 19  TAF B "O3'" 1 
HETATM 388 P  P     . TAF B 1 8  ? 5.460   -6.604  1.970   1.00 23.69 ? 20  TAF B P     1 
HETATM 389 O  OP1   . TAF B 1 8  ? 5.579   -7.674  3.038   1.00 23.28 ? 20  TAF B OP1   1 
HETATM 390 O  OP2   . TAF B 1 8  ? 6.477   -6.490  0.840   1.00 19.45 ? 20  TAF B OP2   1 
HETATM 391 O  "O5'" . TAF B 1 8  ? 4.089   -6.957  1.275   1.00 23.33 ? 20  TAF B "O5'" 1 
HETATM 392 N  N1    . TAF B 1 8  ? 1.455   -4.726  -1.988  1.00 13.47 ? 20  TAF B N1    1 
HETATM 393 C  C6    . TAF B 1 8  ? 2.713   -4.220  -2.276  1.00 11.13 ? 20  TAF B C6    1 
HETATM 394 C  C2    . TAF B 1 8  ? 0.309   -4.178  -2.500  1.00 14.48 ? 20  TAF B C2    1 
HETATM 395 O  O2    . TAF B 1 8  ? -0.796  -4.688  -2.335  1.00 16.66 ? 20  TAF B O2    1 
HETATM 396 N  N3    . TAF B 1 8  ? 0.503   -3.030  -3.263  1.00 15.63 ? 20  TAF B N3    1 
HETATM 397 C  C4    . TAF B 1 8  ? 1.744   -2.421  -3.546  1.00 13.68 ? 20  TAF B C4    1 
HETATM 398 O  O4    . TAF B 1 8  ? 1.813   -1.362  -4.199  1.00 16.38 ? 20  TAF B O4    1 
HETATM 399 C  C5    . TAF B 1 8  ? 2.918   -3.131  -3.033  1.00 13.31 ? 20  TAF B C5    1 
HETATM 400 C  C5M   . TAF B 1 8  ? 4.276   -2.602  -3.325  1.00 15.83 ? 20  TAF B C5M   1 
HETATM 401 F  "F2'" . TAF B 1 8  ? 2.650   -7.013  -2.328  1.00 20.87 ? 20  TAF B "F2'" 1 
HETATM 402 C  "C2'" . TAF B 1 8  ? 1.585   -7.203  -1.481  1.00 17.04 ? 20  TAF B "C2'" 1 
HETATM 403 C  "C5'" . TAF B 1 8  ? 2.810   -6.883  1.949   1.00 22.09 ? 20  TAF B "C5'" 1 
HETATM 404 C  "C4'" . TAF B 1 8  ? 1.765   -6.724  0.879   1.00 16.24 ? 20  TAF B "C4'" 1 
HETATM 405 O  "O4'" . TAF B 1 8  ? 1.956   -5.532  0.109   1.00 15.06 ? 20  TAF B "O4'" 1 
HETATM 406 C  "C1'" . TAF B 1 8  ? 1.239   -5.812  -1.066  1.00 13.82 ? 20  TAF B "C1'" 1 
HETATM 407 C  "C3'" . TAF B 1 8  ? 1.875   -7.863  -0.123  1.00 16.12 ? 20  TAF B "C3'" 1 
HETATM 408 O  "O3'" . TAF B 1 8  ? 0.906   -8.823  0.332   1.00 20.53 ? 20  TAF B "O3'" 1 
ATOM   409 P  P     . DC  B 1 9  ? 0.602   -10.180 -0.481  1.00 25.67 ? 21  DC  B P     1 
ATOM   410 O  OP1   . DC  B 1 9  ? 0.007   -11.184 0.457   1.00 23.19 ? 21  DC  B OP1   1 
ATOM   411 O  OP2   . DC  B 1 9  ? 1.809   -10.547 -1.218  1.00 30.82 ? 21  DC  B OP2   1 
ATOM   412 O  "O5'" . DC  B 1 9  ? -0.460  -9.769  -1.596  1.00 28.07 ? 21  DC  B "O5'" 1 
ATOM   413 C  "C5'" . DC  B 1 9  ? -1.763  -9.266  -1.284  1.00 22.47 ? 21  DC  B "C5'" 1 
ATOM   414 C  "C4'" . DC  B 1 9  ? -2.451  -8.889  -2.569  1.00 22.03 ? 21  DC  B "C4'" 1 
ATOM   415 O  "O4'" . DC  B 1 9  ? -1.831  -7.738  -3.148  1.00 20.80 ? 21  DC  B "O4'" 1 
ATOM   416 C  "C3'" . DC  B 1 9  ? -2.402  -9.974  -3.644  1.00 21.63 ? 21  DC  B "C3'" 1 
ATOM   417 O  "O3'" . DC  B 1 9  ? -3.723  -10.461 -3.749  1.00 27.16 ? 21  DC  B "O3'" 1 
ATOM   418 C  "C2'" . DC  B 1 9  ? -1.887  -9.270  -4.899  1.00 20.43 ? 21  DC  B "C2'" 1 
ATOM   419 C  "C1'" . DC  B 1 9  ? -1.968  -7.793  -4.550  1.00 21.40 ? 21  DC  B "C1'" 1 
ATOM   420 N  N1    . DC  B 1 9  ? -0.939  -6.895  -5.077  1.00 20.03 ? 21  DC  B N1    1 
ATOM   421 C  C2    . DC  B 1 9  ? -1.321  -5.771  -5.819  1.00 19.75 ? 21  DC  B C2    1 
ATOM   422 O  O2    . DC  B 1 9  ? -2.518  -5.603  -6.094  1.00 20.69 ? 21  DC  B O2    1 
ATOM   423 N  N3    . DC  B 1 9  ? -0.379  -4.893  -6.215  1.00 19.92 ? 21  DC  B N3    1 
ATOM   424 C  C4    . DC  B 1 9  ? 0.902   -5.101  -5.908  1.00 14.90 ? 21  DC  B C4    1 
ATOM   425 N  N4    . DC  B 1 9  ? 1.778   -4.180  -6.292  1.00 13.25 ? 21  DC  B N4    1 
ATOM   426 C  C5    . DC  B 1 9  ? 1.327   -6.255  -5.186  1.00 17.08 ? 21  DC  B C5    1 
ATOM   427 C  C6    . DC  B 1 9  ? 0.382   -7.122  -4.799  1.00 19.96 ? 21  DC  B C6    1 
ATOM   428 P  P     . DG  B 1 10 ? -4.041  -11.782 -4.584  1.00 29.66 ? 22  DG  B P     1 
ATOM   429 O  OP1   . DG  B 1 10 ? -5.348  -12.175 -4.046  1.00 30.20 ? 22  DG  B OP1   1 
ATOM   430 O  OP2   . DG  B 1 10 ? -2.926  -12.759 -4.566  1.00 29.99 ? 22  DG  B OP2   1 
ATOM   431 O  "O5'" . DG  B 1 10 ? -4.213  -11.210 -6.062  1.00 27.36 ? 22  DG  B "O5'" 1 
ATOM   432 C  "C5'" . DG  B 1 10 ? -5.286  -10.298 -6.402  1.00 25.05 ? 22  DG  B "C5'" 1 
ATOM   433 C  "C4'" . DG  B 1 10 ? -5.138  -9.821  -7.830  1.00 21.43 ? 22  DG  B "C4'" 1 
ATOM   434 O  "O4'" . DG  B 1 10 ? -4.091  -8.834  -7.949  1.00 20.87 ? 22  DG  B "O4'" 1 
ATOM   435 C  "C3'" . DG  B 1 10 ? -4.798  -10.910 -8.850  1.00 20.92 ? 22  DG  B "C3'" 1 
ATOM   436 O  "O3'" . DG  B 1 10 ? -5.446  -10.574 -10.079 1.00 22.39 ? 22  DG  B "O3'" 1 
ATOM   437 C  "C2'" . DG  B 1 10 ? -3.313  -10.717 -9.072  1.00 17.84 ? 22  DG  B "C2'" 1 
ATOM   438 C  "C1'" . DG  B 1 10 ? -3.248  -9.217  -9.010  1.00 17.78 ? 22  DG  B "C1'" 1 
ATOM   439 N  N9    . DG  B 1 10 ? -1.929  -8.664  -8.778  1.00 17.46 ? 22  DG  B N9    1 
ATOM   440 C  C8    . DG  B 1 10 ? -0.888  -9.235  -8.095  1.00 14.34 ? 22  DG  B C8    1 
ATOM   441 N  N7    . DG  B 1 10 ? 0.179   -8.488  -8.097  1.00 14.16 ? 22  DG  B N7    1 
ATOM   442 C  C5    . DG  B 1 10 ? -0.185  -7.367  -8.825  1.00 14.29 ? 22  DG  B C5    1 
ATOM   443 C  C6    . DG  B 1 10 ? 0.561   -6.221  -9.177  1.00 15.34 ? 22  DG  B C6    1 
ATOM   444 O  O6    . DG  B 1 10 ? 1.734   -5.959  -8.900  1.00 15.26 ? 22  DG  B O6    1 
ATOM   445 N  N1    . DG  B 1 10 ? -0.198  -5.325  -9.930  1.00 14.90 ? 22  DG  B N1    1 
ATOM   446 C  C2    . DG  B 1 10 ? -1.511  -5.515  -10.287 1.00 12.61 ? 22  DG  B C2    1 
ATOM   447 N  N2    . DG  B 1 10 ? -2.089  -4.549  -11.008 1.00 14.83 ? 22  DG  B N2    1 
ATOM   448 N  N3    . DG  B 1 10 ? -2.209  -6.582  -9.959  1.00 16.75 ? 22  DG  B N3    1 
ATOM   449 C  C4    . DG  B 1 10 ? -1.487  -7.458  -9.238  1.00 15.08 ? 22  DG  B C4    1 
ATOM   450 P  P     . DC  B 1 11 ? -5.919  -11.726 -11.094 1.00 27.15 ? 23  DC  B P     1 
ATOM   451 O  OP1   . DC  B 1 11 ? -7.105  -12.360 -10.474 1.00 29.82 ? 23  DC  B OP1   1 
ATOM   452 O  OP2   . DC  B 1 11 ? -4.781  -12.591 -11.576 1.00 28.69 ? 23  DC  B OP2   1 
ATOM   453 O  "O5'" . DC  B 1 11 ? -6.394  -10.871 -12.350 1.00 25.85 ? 23  DC  B "O5'" 1 
ATOM   454 C  "C5'" . DC  B 1 11 ? -7.144  -9.641  -12.187 1.00 24.33 ? 23  DC  B "C5'" 1 
ATOM   455 C  "C4'" . DC  B 1 11 ? -6.597  -8.565  -13.100 1.00 22.39 ? 23  DC  B "C4'" 1 
ATOM   456 O  "O4'" . DC  B 1 11 ? -5.448  -7.936  -12.506 1.00 20.52 ? 23  DC  B "O4'" 1 
ATOM   457 C  "C3'" . DC  B 1 11 ? -6.123  -9.039  -14.469 1.00 24.48 ? 23  DC  B "C3'" 1 
ATOM   458 O  "O3'" . DC  B 1 11 ? -7.190  -8.984  -15.414 1.00 25.82 ? 23  DC  B "O3'" 1 
ATOM   459 C  "C2'" . DC  B 1 11 ? -5.086  -8.003  -14.847 1.00 23.77 ? 23  DC  B "C2'" 1 
ATOM   460 C  "C1'" . DC  B 1 11 ? -4.524  -7.563  -13.516 1.00 21.50 ? 23  DC  B "C1'" 1 
ATOM   461 N  N1    . DC  B 1 11 ? -3.197  -8.090  -13.147 1.00 18.54 ? 23  DC  B N1    1 
ATOM   462 C  C2    . DC  B 1 11 ? -2.127  -7.268  -13.372 1.00 14.10 ? 23  DC  B C2    1 
ATOM   463 O  O2    . DC  B 1 11 ? -2.335  -6.175  -13.916 1.00 18.06 ? 23  DC  B O2    1 
ATOM   464 N  N3    . DC  B 1 11 ? -0.890  -7.663  -13.005 1.00 14.01 ? 23  DC  B N3    1 
ATOM   465 C  C4    . DC  B 1 11 ? -0.709  -8.853  -12.434 1.00 13.67 ? 23  DC  B C4    1 
ATOM   466 N  N4    . DC  B 1 11 ? 0.537   -9.185  -12.082 1.00 13.03 ? 23  DC  B N4    1 
ATOM   467 C  C5    . DC  B 1 11 ? -1.796  -9.745  -12.206 1.00 13.71 ? 23  DC  B C5    1 
ATOM   468 C  C6    . DC  B 1 11 ? -3.019  -9.328  -12.580 1.00 16.26 ? 23  DC  B C6    1 
ATOM   469 P  P     . DG  B 1 12 ? -6.976  -9.569  -16.900 1.00 26.39 ? 24  DG  B P     1 
ATOM   470 O  OP1   . DG  B 1 12 ? -8.284  -9.597  -17.586 1.00 28.83 ? 24  DG  B OP1   1 
ATOM   471 O  OP2   . DG  B 1 12 ? -6.154  -10.822 -16.795 1.00 28.07 ? 24  DG  B OP2   1 
ATOM   472 O  "O5'" . DG  B 1 12 ? -6.064  -8.499  -17.650 1.00 21.63 ? 24  DG  B "O5'" 1 
ATOM   473 C  "C5'" . DG  B 1 12 ? -6.539  -7.179  -17.936 1.00 18.73 ? 24  DG  B "C5'" 1 
ATOM   474 C  "C4'" . DG  B 1 12 ? -5.394  -6.333  -18.438 1.00 17.14 ? 24  DG  B "C4'" 1 
ATOM   475 O  "O4'" . DG  B 1 12 ? -4.412  -6.195  -17.386 1.00 18.22 ? 24  DG  B "O4'" 1 
ATOM   476 C  "C3'" . DG  B 1 12 ? -4.619  -6.944  -19.599 1.00 17.68 ? 24  DG  B "C3'" 1 
ATOM   477 O  "O3'" . DG  B 1 12 ? -5.191  -6.726  -20.869 1.00 17.24 ? 24  DG  B "O3'" 1 
ATOM   478 C  "C2'" . DG  B 1 12 ? -3.255  -6.300  -19.467 1.00 17.17 ? 24  DG  B "C2'" 1 
ATOM   479 C  "C1'" . DG  B 1 12 ? -3.099  -6.179  -17.955 1.00 19.72 ? 24  DG  B "C1'" 1 
ATOM   480 N  N9    . DG  B 1 12 ? -2.325  -7.258  -17.331 1.00 17.17 ? 24  DG  B N9    1 
ATOM   481 C  C8    . DG  B 1 12 ? -2.781  -8.495  -16.969 1.00 14.57 ? 24  DG  B C8    1 
ATOM   482 N  N7    . DG  B 1 12 ? -1.864  -9.226  -16.405 1.00 14.41 ? 24  DG  B N7    1 
ATOM   483 C  C5    . DG  B 1 12 ? -0.741  -8.424  -16.403 1.00 16.09 ? 24  DG  B C5    1 
ATOM   484 C  C6    . DG  B 1 12 ? 0.556   -8.672  -15.909 1.00 15.86 ? 24  DG  B C6    1 
ATOM   485 O  O6    . DG  B 1 12 ? 0.972   -9.678  -15.361 1.00 17.05 ? 24  DG  B O6    1 
ATOM   486 N  N1    . DG  B 1 12 ? 1.402   -7.591  -16.106 1.00 14.25 ? 24  DG  B N1    1 
ATOM   487 C  C2    . DG  B 1 12 ? 1.040   -6.414  -16.704 1.00 14.85 ? 24  DG  B C2    1 
ATOM   488 N  N2    . DG  B 1 12 ? 1.992   -5.473  -16.815 1.00 16.45 ? 24  DG  B N2    1 
ATOM   489 N  N3    . DG  B 1 12 ? -0.170  -6.169  -17.166 1.00 15.61 ? 24  DG  B N3    1 
ATOM   490 C  C4    . DG  B 1 12 ? -0.999  -7.206  -16.981 1.00 14.43 ? 24  DG  B C4    1 
HETATM 491 MG MG    . MG  C 2 .  ? 5.671   -7.699  -9.119  1.00 17.38 ? 25  MG  A MG    1 
HETATM 492 O  O     . HOH D 3 .  ? 3.756   -11.137 -10.675 1.00 29.31 ? 102 HOH A O     1 
HETATM 493 O  O     . HOH D 3 .  ? 7.175   -11.360 -10.737 1.00 21.34 ? 103 HOH A O     1 
HETATM 494 O  O     . HOH D 3 .  ? -3.314  -5.051  -0.998  1.00 16.31 ? 105 HOH A O     1 
HETATM 495 O  O     . HOH D 3 .  ? 5.285   -2.084  -8.245  1.00 23.31 ? 108 HOH A O     1 
HETATM 496 O  O     . HOH D 3 .  ? 7.050   -0.544  -10.232 1.00 27.61 ? 109 HOH A O     1 
HETATM 497 O  O     . HOH D 3 .  ? 2.167   -3.659  4.507   1.00 26.39 ? 111 HOH A O     1 
HETATM 498 O  O     . HOH D 3 .  ? 2.807   -1.118  5.012   1.00 15.91 ? 113 HOH A O     1 
HETATM 499 O  O     . HOH D 3 .  ? 4.295   2.633   6.406   1.00 14.76 ? 114 HOH A O     1 
HETATM 500 O  O     . HOH D 3 .  ? 4.467   5.670   9.499   1.00 18.55 ? 115 HOH A O     1 
HETATM 501 O  O     . HOH D 3 .  ? -5.716  -1.886  -9.788  1.00 24.97 ? 116 HOH A O     1 
HETATM 502 O  O     . HOH D 3 .  ? -7.203  -3.901  -7.728  1.00 37.72 ? 117 HOH A O     1 
HETATM 503 O  O     . HOH D 3 .  ? 1.906   1.698   -8.527  1.00 35.74 ? 119 HOH A O     1 
HETATM 504 O  O     . HOH D 3 .  ? 3.122   -0.296  -6.977  1.00 35.97 ? 120 HOH A O     1 
HETATM 505 O  O     . HOH D 3 .  ? 0.804   2.888   -5.879  1.00 27.69 ? 127 HOH A O     1 
HETATM 506 O  O     . HOH D 3 .  ? -2.350  4.095   -3.108  1.00 36.49 ? 131 HOH A O     1 
HETATM 507 O  O     . HOH D 3 .  ? -2.052  3.603   -5.884  1.00 32.88 ? 132 HOH A O     1 
HETATM 508 O  O     . HOH D 3 .  ? -8.312  3.588   -2.489  1.00 31.27 ? 135 HOH A O     1 
HETATM 509 O  O     . HOH D 3 .  ? -8.658  1.169   -1.717  1.00 21.06 ? 136 HOH A O     1 
HETATM 510 O  O     . HOH D 3 .  ? -8.335  1.644   6.329   1.00 33.83 ? 137 HOH A O     1 
HETATM 511 O  O     . HOH D 3 .  ? -7.302  4.773   0.855   1.00 49.80 ? 138 HOH A O     1 
HETATM 512 O  O     . HOH D 3 .  ? -5.356  3.171   -2.936  1.00 28.11 ? 139 HOH A O     1 
HETATM 513 O  O     . HOH D 3 .  ? -4.623  4.115   0.144   1.00 21.03 ? 140 HOH A O     1 
HETATM 514 O  O     . HOH D 3 .  ? -8.447  -1.270  2.846   1.00 15.07 ? 141 HOH A O     1 
HETATM 515 O  O     . HOH D 3 .  ? -9.533  1.324   2.951   1.00 42.33 ? 142 HOH A O     1 
HETATM 516 O  O     . HOH D 3 .  ? -5.537  3.801   4.248   1.00 23.85 ? 147 HOH A O     1 
HETATM 517 O  O     . HOH D 3 .  ? -4.482  1.097   8.904   1.00 21.14 ? 148 HOH A O     1 
HETATM 518 O  O     . HOH D 3 .  ? -2.452  -8.784  2.073   1.00 45.87 ? 151 HOH A O     1 
HETATM 519 O  O     . HOH D 3 .  ? -3.661  -9.103  4.525   1.00 27.95 ? 152 HOH A O     1 
HETATM 520 O  O     . HOH D 3 .  ? -5.088  -9.113  0.889   1.00 34.74 ? 153 HOH A O     1 
HETATM 521 O  O     . HOH D 3 .  ? -9.495  4.632   -5.241  1.00 39.97 ? 155 HOH A O     1 
HETATM 522 O  O     . HOH D 3 .  ? 5.213   -0.031  6.154   1.00 21.51 ? 161 HOH A O     1 
HETATM 523 O  O     . HOH D 3 .  ? 7.644   -0.064  7.091   1.00 36.90 ? 162 HOH A O     1 
HETATM 524 O  O     . HOH D 3 .  ? 8.631   3.766   7.986   1.00 29.89 ? 164 HOH A O     1 
HETATM 525 O  O     . HOH D 3 .  ? 8.630   -4.609  10.149  1.00 49.73 ? 167 HOH A O     1 
HETATM 526 O  O     . HOH D 3 .  ? 8.745   15.293  11.366  1.00 36.08 ? 168 HOH A O     1 
HETATM 527 O  O     . HOH D 3 .  ? 4.136   -13.705 -14.446 1.00 50.00 ? 174 HOH A O     1 
HETATM 528 O  O     . HOH D 3 .  ? -6.566  -8.042  -1.279  1.00 30.24 ? 177 HOH A O     1 
HETATM 529 O  O     . HOH D 3 .  ? -9.173  -7.644  -0.820  1.00 35.38 ? 178 HOH A O     1 
HETATM 530 O  O     . HOH D 3 .  ? -10.092 -7.004  -3.664  1.00 24.48 ? 179 HOH A O     1 
HETATM 531 O  O     . HOH D 3 .  ? -2.783  -8.310  8.801   1.00 39.29 ? 180 HOH A O     1 
HETATM 532 O  O     . HOH D 3 .  ? -6.677  -2.571  7.213   1.00 24.35 ? 181 HOH A O     1 
HETATM 533 O  O     . HOH D 3 .  ? 3.922   -11.376 -16.460 1.00 45.60 ? 182 HOH A O     1 
HETATM 534 O  O     . HOH D 3 .  ? -8.366  -1.112  5.797   1.00 19.22 ? 183 HOH A O     1 
HETATM 535 O  O     . HOH D 3 .  ? -5.342  -1.563  9.611   1.00 35.87 ? 184 HOH A O     1 
HETATM 536 O  O     . HOH D 3 .  ? -8.963  -7.688  2.687   1.00 33.30 ? 186 HOH A O     1 
HETATM 537 O  O     . HOH D 3 .  ? -2.356  -1.685  11.691  0.00 48.40 ? 189 HOH A O     1 
HETATM 538 O  O     . HOH D 3 .  ? 2.905   -0.201  15.031  1.00 49.56 ? 190 HOH A O     1 
HETATM 539 O  O     . HOH D 3 .  ? 2.394   3.295   16.109  1.00 39.03 ? 191 HOH A O     1 
HETATM 540 O  O     . HOH D 3 .  ? 5.891   7.421   17.378  1.00 42.66 ? 192 HOH A O     1 
HETATM 541 O  O     . HOH D 3 .  ? 8.015   10.887  15.761  1.00 24.96 ? 193 HOH A O     1 
HETATM 542 O  O     . HOH D 3 .  ? 9.067   13.419  15.854  1.00 32.88 ? 194 HOH A O     1 
HETATM 543 O  O     . HOH D 3 .  ? -8.188  -10.733 1.388   0.00 50.00 ? 195 HOH A O     1 
HETATM 544 O  O     . HOH D 3 .  ? -1.413  5.197   -16.027 1.00 47.16 ? 196 HOH A O     1 
HETATM 545 O  O     . HOH D 3 .  ? 5.878   4.539   7.733   1.00 24.13 ? 199 HOH A O     1 
HETATM 546 O  O     . HOH D 3 .  ? -12.346 -5.672  0.291   1.00 16.61 ? 201 HOH A O     1 
HETATM 547 O  O     . HOH D 3 .  ? -11.651 2.546   -5.438  1.00 31.33 ? 202 HOH A O     1 
HETATM 548 O  O     . HOH D 3 .  ? -5.507  -6.086  -2.288  1.00 29.81 ? 203 HOH A O     1 
HETATM 549 O  O     . HOH D 3 .  ? -0.318  4.989   -7.764  1.00 37.58 ? 204 HOH A O     1 
HETATM 550 O  O     . HOH D 3 .  ? -4.840  7.568   -9.678  1.00 42.60 ? 205 HOH A O     1 
HETATM 551 O  O     . HOH D 3 .  ? -12.288 -9.331  -4.282  1.00 42.47 ? 206 HOH A O     1 
HETATM 552 O  O     . HOH D 3 .  ? 2.400   3.962   -10.598 1.00 45.56 ? 207 HOH A O     1 
HETATM 553 O  O     . HOH D 3 .  ? -4.776  5.507   -4.435  0.00 50.00 ? 209 HOH A O     1 
HETATM 554 O  O     . HOH D 3 .  ? 7.897   -2.349  -11.764 1.00 26.12 ? 210 HOH A O     1 
HETATM 555 O  O     . HOH D 3 .  ? -10.960 -9.707  -0.620  1.00 46.66 ? 211 HOH A O     1 
HETATM 556 O  O     . HOH D 3 .  ? 8.614   -4.862  -7.583  1.00 21.40 ? 212 HOH A O     1 
HETATM 557 O  O     . HOH D 3 .  ? 4.880   1.100   -8.871  0.00 50.00 ? 213 HOH A O     1 
HETATM 558 O  O     . HOH D 3 .  ? 6.668   3.200   -16.808 1.00 30.20 ? 214 HOH A O     1 
HETATM 559 O  O     . HOH D 3 .  ? -7.041  4.644   -13.490 1.00 38.83 ? 215 HOH A O     1 
HETATM 560 O  O     . HOH D 3 .  ? 12.164  7.864   12.933  1.00 46.19 ? 216 HOH A O     1 
HETATM 561 O  O     . HOH D 3 .  ? -10.868 -4.042  -6.802  1.00 28.40 ? 217 HOH A O     1 
HETATM 562 O  O     . HOH D 3 .  ? 3.959   -14.043 -9.188  1.00 39.71 ? 218 HOH A O     1 
HETATM 563 O  O     . HOH D 3 .  ? -1.865  -8.140  11.417  1.00 46.03 ? 220 HOH A O     1 
HETATM 564 O  O     . HOH D 3 .  ? -0.310  -12.372 9.368   1.00 50.00 ? 223 HOH A O     1 
HETATM 565 O  O     . HOH D 3 .  ? 3.161   -5.834  12.738  1.00 50.00 ? 229 HOH A O     1 
HETATM 566 O  O     . HOH D 3 .  ? 9.946   -0.369  11.144  1.00 40.43 ? 230 HOH A O     1 
HETATM 567 O  O     . HOH D 3 .  ? 11.399  5.829   9.700   1.00 49.89 ? 231 HOH A O     1 
HETATM 568 O  O     . HOH D 3 .  ? 12.720  4.275   13.438  1.00 50.00 ? 232 HOH A O     1 
HETATM 569 O  O     . HOH D 3 .  ? 3.328   -7.231  7.939   1.00 48.59 ? 233 HOH A O     1 
HETATM 570 O  O     . HOH D 3 .  ? 11.055  8.400   10.612  1.00 35.66 ? 234 HOH A O     1 
HETATM 571 O  O     . HOH D 3 .  ? 4.798   -15.552 -17.000 1.00 50.00 ? 237 HOH A O     1 
HETATM 572 O  O     . HOH D 3 .  ? -6.007  -4.623  -5.203  1.00 42.81 ? 243 HOH A O     1 
HETATM 573 O  O     . HOH D 3 .  ? -1.646  7.407   -3.966  1.00 50.00 ? 244 HOH A O     1 
HETATM 574 O  O     . HOH D 3 .  ? 0.571   7.764   -11.922 0.00 50.00 ? 245 HOH A O     1 
HETATM 575 O  O     . HOH D 3 .  ? 9.418   10.892  7.402   1.00 49.82 ? 246 HOH A O     1 
HETATM 576 O  O     . HOH D 3 .  ? -2.570  10.859  -7.382  1.00 42.79 ? 247 HOH A O     1 
HETATM 577 O  O     . HOH D 3 .  ? 8.568   5.758   19.057  1.00 50.00 ? 248 HOH A O     1 
HETATM 578 O  O     . HOH D 3 .  ? 8.903   2.899   -15.203 1.00 49.76 ? 249 HOH A O     1 
HETATM 579 O  O     . HOH D 3 .  ? -3.031  1.118   11.966  1.00 50.00 ? 250 HOH A O     1 
HETATM 580 O  O     . HOH D 3 .  ? 7.949   7.836   15.770  0.00 50.00 ? 251 HOH A O     1 
HETATM 581 O  O     . HOH D 3 .  ? 9.669   1.233   -9.403  1.00 50.00 ? 254 HOH A O     1 
HETATM 582 O  O     . HOH D 3 .  ? 8.391   1.970   -12.808 1.00 43.48 ? 256 HOH A O     1 
HETATM 583 O  O     . HOH D 3 .  ? 9.259   0.623   13.920  0.00 50.00 ? 257 HOH A O     1 
HETATM 584 O  O     . HOH D 3 .  ? -0.749  8.205   -9.684  1.00 47.76 ? 261 HOH A O     1 
HETATM 585 O  O     . HOH D 3 .  ? 6.732   2.994   -8.489  1.00 48.56 ? 262 HOH A O     1 
HETATM 586 O  O     . HOH D 3 .  ? -1.574  8.311   -6.527  0.00 50.00 ? 266 HOH A O     1 
HETATM 587 O  O     . HOH D 3 .  ? -8.005  6.368   -2.080  0.00 50.00 ? 269 HOH A O     1 
HETATM 588 O  O     . HOH D 3 .  ? 2.891   -14.759 -11.851 0.00 50.00 ? 270 HOH A O     1 
HETATM 589 O  O     . HOH D 3 .  ? 6.151   4.854   16.981  0.00 47.22 ? 271 HOH A O     1 
HETATM 590 O  O     . HOH D 3 .  ? 6.066   -6.095  -10.392 1.00 15.55 ? 273 HOH A O     1 
HETATM 591 O  O     . HOH D 3 .  ? 4.072   -8.325  -10.433 1.00 16.77 ? 274 HOH A O     1 
HETATM 592 O  O     . HOH D 3 .  ? 7.010   -8.890  -10.191 1.00 18.17 ? 275 HOH A O     1 
HETATM 593 O  O     . HOH D 3 .  ? 7.143   -7.003  -7.772  1.00 20.12 ? 276 HOH A O     1 
HETATM 594 O  O     . HOH E 3 .  ? -7.703  15.456  9.902   1.00 19.13 ? 101 HOH B O     1 
HETATM 595 O  O     . HOH E 3 .  ? 2.562   -9.769  -7.052  1.00 16.51 ? 104 HOH B O     1 
HETATM 596 O  O     . HOH E 3 .  ? 0.164   -4.005  2.531   1.00 19.45 ? 106 HOH B O     1 
HETATM 597 O  O     . HOH E 3 .  ? 4.526   -5.365  -5.793  1.00 14.91 ? 107 HOH B O     1 
HETATM 598 O  O     . HOH E 3 .  ? 5.501   -5.989  -1.734  1.00 24.01 ? 110 HOH B O     1 
HETATM 599 O  O     . HOH E 3 .  ? -1.681  -6.012  1.550   1.00 38.99 ? 112 HOH B O     1 
HETATM 600 O  O     . HOH E 3 .  ? -5.095  -6.464  -9.726  1.00 28.13 ? 118 HOH B O     1 
HETATM 601 O  O     . HOH E 3 .  ? 7.375   -0.110  -1.353  1.00 26.31 ? 121 HOH B O     1 
HETATM 602 O  O     . HOH E 3 .  ? 6.581   -3.519  -6.116  1.00 26.80 ? 122 HOH B O     1 
HETATM 603 O  O     . HOH E 3 .  ? 6.918   0.011   -4.964  1.00 49.91 ? 123 HOH B O     1 
HETATM 604 O  O     . HOH E 3 .  ? 6.460   4.499   -0.440  1.00 29.34 ? 124 HOH B O     1 
HETATM 605 O  O     . HOH E 3 .  ? -1.602  -12.107 4.356   1.00 50.00 ? 125 HOH B O     1 
HETATM 606 O  O     . HOH E 3 .  ? 2.324   3.748   -3.776  1.00 31.37 ? 126 HOH B O     1 
HETATM 607 O  O     . HOH E 3 .  ? -0.290  4.866   -1.309  1.00 30.44 ? 128 HOH B O     1 
HETATM 608 O  O     . HOH E 3 .  ? 2.339   5.352   -0.900  1.00 23.77 ? 129 HOH B O     1 
HETATM 609 O  O     . HOH E 3 .  ? 3.861   0.057   -4.739  0.00 46.84 ? 130 HOH B O     1 
HETATM 610 O  O     . HOH E 3 .  ? -3.409  6.507   1.675   1.00 36.90 ? 133 HOH B O     1 
HETATM 611 O  O     . HOH E 3 .  ? -1.210  7.480   0.857   1.00 23.49 ? 134 HOH B O     1 
HETATM 612 O  O     . HOH E 3 .  ? -6.655  14.200  4.386   1.00 49.71 ? 143 HOH B O     1 
HETATM 613 O  O     . HOH E 3 .  ? -9.838  13.905  6.681   0.00 47.76 ? 144 HOH B O     1 
HETATM 614 O  O     . HOH E 3 .  ? -6.497  4.169   8.818   1.00 47.62 ? 145 HOH B O     1 
HETATM 615 O  O     . HOH E 3 .  ? -5.083  5.465   6.380   1.00 26.52 ? 146 HOH B O     1 
HETATM 616 O  O     . HOH E 3 .  ? -6.110  9.633   4.583   1.00 46.82 ? 149 HOH B O     1 
HETATM 617 O  O     . HOH E 3 .  ? 3.745   7.866   -0.745  1.00 44.64 ? 150 HOH B O     1 
HETATM 618 O  O     . HOH E 3 .  ? 3.250   -9.319  -4.167  1.00 23.09 ? 154 HOH B O     1 
HETATM 619 O  O     . HOH E 3 .  ? 5.063   -7.467  -4.220  1.00 19.31 ? 156 HOH B O     1 
HETATM 620 O  O     . HOH E 3 .  ? 7.647   -4.332  -2.548  1.00 36.96 ? 157 HOH B O     1 
HETATM 621 O  O     . HOH E 3 .  ? 9.163   -5.421  1.138   1.00 31.24 ? 158 HOH B O     1 
HETATM 622 O  O     . HOH E 3 .  ? 9.056   -4.815  3.760   1.00 31.79 ? 159 HOH B O     1 
HETATM 623 O  O     . HOH E 3 .  ? 9.310   -3.136  6.386   1.00 27.33 ? 160 HOH B O     1 
HETATM 624 O  O     . HOH E 3 .  ? 11.604  0.130   6.399   1.00 50.00 ? 163 HOH B O     1 
HETATM 625 O  O     . HOH E 3 .  ? 6.023   7.243   7.246   1.00 25.34 ? 165 HOH B O     1 
HETATM 626 O  O     . HOH E 3 .  ? -10.489 -9.022  -19.298 1.00 35.65 ? 166 HOH B O     1 
HETATM 627 O  O     . HOH E 3 .  ? -3.046  -13.345 -0.247  1.00 35.63 ? 169 HOH B O     1 
HETATM 628 O  O     . HOH E 3 .  ? -1.164  -12.137 -6.417  1.00 42.23 ? 170 HOH B O     1 
HETATM 629 O  O     . HOH E 3 .  ? -1.557  -13.707 -2.485  1.00 40.78 ? 171 HOH B O     1 
HETATM 630 O  O     . HOH E 3 .  ? -3.932  -15.305 -8.136  1.00 38.24 ? 172 HOH B O     1 
HETATM 631 O  O     . HOH E 3 .  ? 0.529   -11.742 -10.521 1.00 22.72 ? 173 HOH B O     1 
HETATM 632 O  O     . HOH E 3 .  ? -3.268  -11.357 -15.856 1.00 26.81 ? 175 HOH B O     1 
HETATM 633 O  O     . HOH E 3 .  ? -7.178  -10.026 -3.433  1.00 35.86 ? 176 HOH B O     1 
HETATM 634 O  O     . HOH E 3 .  ? -3.470  14.439  -3.936  1.00 36.78 ? 185 HOH B O     1 
HETATM 635 O  O     . HOH E 3 .  ? 0.477   -8.302  4.794   1.00 46.43 ? 187 HOH B O     1 
HETATM 636 O  O     . HOH E 3 .  ? -2.321  -14.244 -16.998 1.00 48.88 ? 188 HOH B O     1 
HETATM 637 O  O     . HOH E 3 .  ? -9.990  -11.676 -2.777  1.00 48.03 ? 197 HOH B O     1 
HETATM 638 O  O     . HOH E 3 .  ? -4.639  4.428   13.955  1.00 41.03 ? 198 HOH B O     1 
HETATM 639 O  O     . HOH E 3 .  ? -3.188  10.513  1.012   0.00 50.00 ? 200 HOH B O     1 
HETATM 640 O  O     . HOH E 3 .  ? 0.277   -11.971 -15.087 1.00 31.02 ? 208 HOH B O     1 
HETATM 641 O  O     . HOH E 3 .  ? 1.010   -10.909 -3.703  1.00 44.88 ? 219 HOH B O     1 
HETATM 642 O  O     . HOH E 3 .  ? 7.795   9.071   -0.746  1.00 49.83 ? 221 HOH B O     1 
HETATM 643 O  O     . HOH E 3 .  ? 1.120   -11.212 6.633   0.00 50.00 ? 222 HOH B O     1 
HETATM 644 O  O     . HOH E 3 .  ? 4.863   -10.309 2.912   1.00 46.64 ? 224 HOH B O     1 
HETATM 645 O  O     . HOH E 3 .  ? 3.398   -13.697 2.111   1.00 49.69 ? 225 HOH B O     1 
HETATM 646 O  O     . HOH E 3 .  ? -10.995 11.204  16.156  1.00 32.44 ? 226 HOH B O     1 
HETATM 647 O  O     . HOH E 3 .  ? -2.278  12.292  -0.322  1.00 50.00 ? 227 HOH B O     1 
HETATM 648 O  O     . HOH E 3 .  ? -7.478  -13.307 -6.359  1.00 48.87 ? 228 HOH B O     1 
HETATM 649 O  O     . HOH E 3 .  ? -4.237  14.827  -1.425  1.00 45.69 ? 235 HOH B O     1 
HETATM 650 O  O     . HOH E 3 .  ? -8.082  7.714   9.835   1.00 47.62 ? 236 HOH B O     1 
HETATM 651 O  O     . HOH E 3 .  ? -6.620  3.418   16.032  1.00 45.55 ? 238 HOH B O     1 
HETATM 652 O  O     . HOH E 3 .  ? 12.963  -1.341  4.009   0.00 50.00 ? 239 HOH B O     1 
HETATM 653 O  O     . HOH E 3 .  ? 7.425   -6.689  4.906   1.00 44.08 ? 240 HOH B O     1 
HETATM 654 O  O     . HOH E 3 .  ? 11.760  -3.626  3.450   1.00 44.43 ? 241 HOH B O     1 
HETATM 655 O  O     . HOH E 3 .  ? 8.548   3.162   -1.335  1.00 49.57 ? 242 HOH B O     1 
HETATM 656 O  O     . HOH E 3 .  ? -11.951 12.002  4.741   1.00 50.00 ? 252 HOH B O     1 
HETATM 657 O  O     . HOH E 3 .  ? 6.161   -4.219  6.928   1.00 45.17 ? 253 HOH B O     1 
HETATM 658 O  O     . HOH E 3 .  ? 6.553   -13.017 4.059   1.00 50.00 ? 255 HOH B O     1 
HETATM 659 O  O     . HOH E 3 .  ? -0.217  -14.282 -0.198  1.00 35.04 ? 258 HOH B O     1 
HETATM 660 O  O     . HOH E 3 .  ? 8.121   -8.595  -0.651  1.00 44.74 ? 259 HOH B O     1 
HETATM 661 O  O     . HOH E 3 .  ? 7.763   -9.426  2.961   1.00 47.37 ? 260 HOH B O     1 
HETATM 662 O  O     . HOH E 3 .  ? -0.610  -13.412 -8.591  1.00 49.76 ? 263 HOH B O     1 
HETATM 663 O  O     . HOH E 3 .  ? 3.318   -13.778 4.867   0.00 50.00 ? 264 HOH B O     1 
HETATM 664 O  O     . HOH E 3 .  ? -5.663  4.058   19.087  0.00 50.00 ? 265 HOH B O     1 
HETATM 665 O  O     . HOH E 3 .  ? 11.495  -1.530  0.313   0.00 50.00 ? 267 HOH B O     1 
HETATM 666 O  O     . HOH E 3 .  ? -5.392  -15.105 -15.607 0.00 50.00 ? 268 HOH B O     1 
HETATM 667 O  O     . HOH E 3 .  ? 4.159   -6.662  -8.065  1.00 16.87 ? 272 HOH B O     1 
HETATM 668 O  O     . HOH E 3 .  ? 5.240   -9.412  -7.956  1.00 19.68 ? 277 HOH B O     1 
# 
